data_7YDP
#
_entry.id   7YDP
#
_cell.length_a   1.00
_cell.length_b   1.00
_cell.length_c   1.00
_cell.angle_alpha   90.00
_cell.angle_beta   90.00
_cell.angle_gamma   90.00
#
_symmetry.space_group_name_H-M   'P 1'
#
loop_
_entity.id
_entity.type
_entity.pdbx_description
1 polymer 'Adhesion G protein-coupled receptor E5 subunit beta'
2 polymer 'Guanine nucleotide-binding protein G(I)/G(S)/G(O) subunit gamma-2'
3 polymer 'engineered miniGas'
4 polymer Nb35
5 polymer 'Guanine nucleotide-binding protein G(I)/G(S)/G(T) subunit beta-1'
#
loop_
_entity_poly.entity_id
_entity_poly.type
_entity_poly.pdbx_seq_one_letter_code
_entity_poly.pdbx_strand_id
1 'polypeptide(L)'
;MSSFAILMAHYDVEDWKLTLITRVGLALSLFCLLLCILTFLLVRPIQGSRTTIHLHLCICLFVGSTIFLAGIENEGGQVG
LRCRLVAGLLHYCFLAAFCWMSLEGLELYFLVVRVFQGQGLSTRWLCLIGYGVPLLIVGVSAAIYSKGYGRPRYCWLDFE
QGFLWSFLGPVTFIILCNAVIFVTTVWKLTQKFSEINPDMKKLKKARALTITAIAQLFLLGCTWVFGLFIFDDRSLVLTY
VFTILNCLQGAFLYLLHCLLNKKVREEYRKWACLVAGGSKYSEFTSTTSGTGHNQTRALRASESGIL
;
R
2 'polypeptide(L)' MASNNTASIAQARKLVEQLKMEANIDRIKVSKAAADLMAYCEAHAKEDPLLTPVPASENPFREKKFFCAIL C
3 'polypeptide(L)'
;MGCTLSAEDKAAVERSKMIEKQLQKDKQVYRATHRLLLLGADNSGKSTIVKQMRIYHVNGYSEEECKQYKAVVYSNTIQS
IIAIIRAMGRLKIDFGDSARADDARQLFVLAGAAEEGFMTAELAGVIKRLWKDSGVQACFNRSREYQLNDSAAYYLNDLD
RIAQPNYIPTQQDVLRTRVKTSGIFETKFQVDKVNFHMFDVGAQRDERRKWIQCFNDVTAIIFVVDSSDYNRLQEALNDF
KSIWNNRWLRTISVILFLNKQDLLAEKVLAGKSKIEDYFPEFARYTTPEDATPEPGEDPRVTRAKYFIRDEFLRISTASG
DGRHYCYPHFTCSVDTENARRIFNDCRDIIQRMHLRQYELL
;
A
4 'polypeptide(L)'
;MKYLLPTAAAGLLLLAAQPAMAQVQLQESGGGLVQPGGSLRLSCAASGFTFSNYKMNWVRQAPGKGLEWVSDISQSGASI
SYTGSVKGRFTISRDNAKNTLYLQMNSLKPEDTAVYYCARCPAPFTRDCFDVTSTTYAYRGQGTQVTVSSAAALEHHHHH
H
;
D
5 'polypeptide(L)'
;MGSLLQSELDQLRQEAEQLKNQIRDARKACADATLSQITNNIDPVGRIQMRTRRTLRGHLAKIYAMHWGTDSRLLVSASQ
DGKLIIWDSYTTNKVHAIPLRSSWVMTCAYAPSGNYVACGGLDNICSIYNLKTREGNVRVSRELAGHTGYLSCCRFLDDN
QIVTSSGDTTCALWDIETGQQTTTFTGHTGDVMSLSLAPDTRLFVSGACDASAKLWDVREGMCRQTFTGHESDINAICFF
PNGNAFATGSDDATCRLFDLRADQELMTYSHDNIICGITSVSFSKSGRLLLAGYDDFNCNVWDALKADRAGVLAGHDNRV
SCLGVTDDGMAVATGSWDSFLKIWN
;
B
#
# COMPACT_ATOMS: atom_id res chain seq x y z
N SER A 2 49.24 9.60 30.34
CA SER A 2 48.44 9.11 29.23
C SER A 2 47.70 10.25 28.53
N SER A 3 48.28 10.76 27.46
CA SER A 3 47.69 11.84 26.68
C SER A 3 47.20 11.26 25.36
N PHE A 4 45.90 11.46 25.08
CA PHE A 4 45.27 10.80 23.94
C PHE A 4 46.01 11.08 22.64
N ALA A 5 46.63 12.26 22.53
CA ALA A 5 47.47 12.55 21.38
C ALA A 5 48.54 11.50 21.14
N ILE A 6 48.80 10.62 22.13
CA ILE A 6 49.79 9.56 21.95
C ILE A 6 49.42 8.69 20.76
N LEU A 7 48.13 8.64 20.40
CA LEU A 7 47.77 7.94 19.19
C LEU A 7 48.25 8.67 17.93
N MET A 8 48.65 9.93 18.04
CA MET A 8 49.10 10.69 16.88
C MET A 8 50.41 11.44 17.16
N ALA A 9 50.64 11.81 18.41
CA ALA A 9 51.83 12.58 18.75
C ALA A 9 53.08 11.72 18.62
N HIS A 10 54.23 12.40 18.60
CA HIS A 10 55.52 11.72 18.47
C HIS A 10 56.56 12.15 19.49
N TYR A 11 56.49 13.36 20.03
CA TYR A 11 57.49 13.86 20.97
C TYR A 11 57.04 13.75 22.41
N ASP A 12 55.97 13.01 22.69
CA ASP A 12 55.57 12.64 24.04
C ASP A 12 55.21 13.87 24.87
N VAL A 13 54.32 14.70 24.32
CA VAL A 13 53.82 15.85 25.06
C VAL A 13 53.11 15.36 26.32
N GLU A 14 53.06 16.21 27.35
CA GLU A 14 52.45 15.83 28.61
C GLU A 14 51.87 17.05 29.28
N ASP A 15 50.66 16.91 29.80
CA ASP A 15 50.02 17.91 30.65
C ASP A 15 48.95 17.20 31.47
N TRP A 16 48.62 17.79 32.63
CA TRP A 16 47.60 17.21 33.49
C TRP A 16 46.21 17.38 32.90
N LYS A 17 45.94 18.54 32.31
CA LYS A 17 44.64 18.77 31.67
C LYS A 17 44.43 17.80 30.52
N LEU A 18 45.49 17.50 29.77
CA LEU A 18 45.41 16.52 28.69
C LEU A 18 44.80 15.22 29.19
N THR A 19 45.45 14.58 30.17
CA THR A 19 44.99 13.27 30.59
C THR A 19 43.67 13.32 31.35
N LEU A 20 43.41 14.41 32.08
CA LEU A 20 42.13 14.53 32.76
C LEU A 20 40.98 14.58 31.76
N ILE A 21 41.08 15.49 30.78
CA ILE A 21 40.06 15.61 29.75
C ILE A 21 39.93 14.30 28.97
N THR A 22 41.06 13.68 28.65
CA THR A 22 41.02 12.44 27.88
C THR A 22 40.30 11.35 28.65
N ARG A 23 40.56 11.22 29.96
CA ARG A 23 39.88 10.22 30.76
C ARG A 23 38.37 10.47 30.78
N VAL A 24 37.97 11.72 31.01
CA VAL A 24 36.54 12.01 31.10
C VAL A 24 35.86 11.71 29.76
N GLY A 25 36.44 12.21 28.66
CA GLY A 25 35.85 11.99 27.36
C GLY A 25 35.81 10.53 26.97
N LEU A 26 36.85 9.77 27.32
CA LEU A 26 36.89 8.37 26.94
C LEU A 26 35.87 7.54 27.70
N ALA A 27 35.69 7.83 29.00
CA ALA A 27 34.64 7.14 29.75
C ALA A 27 33.27 7.45 29.16
N LEU A 28 33.01 8.73 28.87
CA LEU A 28 31.73 9.09 28.28
C LEU A 28 31.54 8.41 26.93
N SER A 29 32.61 8.31 26.13
CA SER A 29 32.51 7.70 24.82
C SER A 29 32.19 6.21 24.93
N LEU A 30 32.80 5.51 25.90
CA LEU A 30 32.45 4.10 26.08
C LEU A 30 31.00 3.94 26.47
N PHE A 31 30.50 4.79 27.38
CA PHE A 31 29.09 4.68 27.76
C PHE A 31 28.19 4.96 26.57
N CYS A 32 28.55 5.96 25.75
CA CYS A 32 27.75 6.29 24.58
C CYS A 32 27.73 5.14 23.58
N LEU A 33 28.88 4.50 23.33
CA LEU A 33 28.90 3.35 22.43
C LEU A 33 28.04 2.21 22.96
N LEU A 34 28.08 1.98 24.28
CA LEU A 34 27.21 0.96 24.85
C LEU A 34 25.74 1.30 24.60
N LEU A 35 25.37 2.56 24.84
CA LEU A 35 23.99 2.98 24.60
C LEU A 35 23.60 2.78 23.15
N CYS A 36 24.50 3.12 22.23
CA CYS A 36 24.22 2.96 20.81
C CYS A 36 23.99 1.50 20.47
N ILE A 37 24.86 0.60 20.95
CA ILE A 37 24.71 -0.81 20.59
C ILE A 37 23.42 -1.37 21.15
N LEU A 38 23.09 -1.01 22.40
CA LEU A 38 21.85 -1.50 22.99
C LEU A 38 20.63 -1.02 22.21
N THR A 39 20.55 0.29 21.96
CA THR A 39 19.40 0.85 21.28
C THR A 39 19.27 0.33 19.85
N PHE A 40 20.40 0.08 19.18
CA PHE A 40 20.34 -0.41 17.81
C PHE A 40 19.94 -1.88 17.75
N LEU A 41 20.44 -2.70 18.68
CA LEU A 41 20.00 -4.09 18.71
C LEU A 41 18.54 -4.22 19.12
N LEU A 42 18.03 -3.25 19.90
CA LEU A 42 16.64 -3.34 20.34
C LEU A 42 15.66 -3.09 19.20
N VAL A 43 15.88 -2.04 18.40
CA VAL A 43 14.89 -1.60 17.42
C VAL A 43 15.01 -2.45 16.17
N ARG A 44 13.94 -3.15 15.82
CA ARG A 44 13.90 -4.02 14.65
C ARG A 44 13.64 -3.32 13.32
N PRO A 45 12.58 -2.51 13.17
CA PRO A 45 12.09 -2.24 11.81
C PRO A 45 13.02 -1.37 10.96
N ILE A 46 14.27 -1.22 11.38
CA ILE A 46 15.24 -0.43 10.64
C ILE A 46 16.49 -1.24 10.25
N GLN A 47 16.35 -2.53 9.97
CA GLN A 47 17.45 -3.26 9.34
C GLN A 47 17.86 -2.61 8.02
N GLY A 48 19.00 -3.07 7.52
CA GLY A 48 19.57 -2.55 6.31
C GLY A 48 21.08 -2.62 6.40
N SER A 49 21.73 -2.04 5.39
CA SER A 49 23.18 -1.93 5.46
C SER A 49 23.61 -0.88 6.48
N ARG A 50 22.87 0.23 6.55
CA ARG A 50 23.33 1.37 7.35
C ARG A 50 23.31 1.07 8.83
N THR A 51 22.21 0.49 9.34
CA THR A 51 22.13 0.20 10.76
C THR A 51 23.13 -0.88 11.16
N THR A 52 23.34 -1.86 10.28
CA THR A 52 24.42 -2.82 10.47
C THR A 52 25.76 -2.11 10.63
N ILE A 53 26.04 -1.14 9.76
CA ILE A 53 27.30 -0.40 9.83
C ILE A 53 27.43 0.32 11.16
N HIS A 54 26.38 1.03 11.56
CA HIS A 54 26.41 1.72 12.85
C HIS A 54 26.74 0.76 13.98
N LEU A 55 26.02 -0.36 14.03
CA LEU A 55 26.16 -1.29 15.14
C LEU A 55 27.57 -1.86 15.21
N HIS A 56 28.14 -2.26 14.07
CA HIS A 56 29.46 -2.88 14.14
C HIS A 56 30.58 -1.87 14.34
N LEU A 57 30.46 -0.66 13.79
CA LEU A 57 31.41 0.39 14.12
C LEU A 57 31.39 0.69 15.61
N CYS A 58 30.20 0.72 16.21
CA CYS A 58 30.10 0.94 17.64
C CYS A 58 30.76 -0.20 18.42
N ILE A 59 30.57 -1.43 17.96
CA ILE A 59 31.26 -2.58 18.57
C ILE A 59 32.77 -2.35 18.61
N CYS A 60 33.38 -2.12 17.45
CA CYS A 60 34.84 -2.07 17.42
C CYS A 60 35.37 -0.88 18.20
N LEU A 61 34.68 0.27 18.13
CA LEU A 61 35.16 1.42 18.88
C LEU A 61 35.05 1.18 20.38
N PHE A 62 33.98 0.52 20.83
CA PHE A 62 33.86 0.22 22.26
C PHE A 62 34.98 -0.69 22.73
N VAL A 63 35.27 -1.74 21.96
CA VAL A 63 36.35 -2.65 22.37
C VAL A 63 37.66 -1.89 22.47
N GLY A 64 37.98 -1.10 21.45
CA GLY A 64 39.23 -0.37 21.46
C GLY A 64 39.36 0.57 22.64
N SER A 65 38.31 1.35 22.90
CA SER A 65 38.39 2.32 23.99
C SER A 65 38.39 1.65 25.36
N THR A 66 37.71 0.51 25.51
CA THR A 66 37.75 -0.20 26.78
C THR A 66 39.16 -0.69 27.08
N ILE A 67 39.77 -1.41 26.13
CA ILE A 67 41.14 -1.86 26.38
C ILE A 67 42.11 -0.69 26.47
N PHE A 68 41.76 0.47 25.89
CA PHE A 68 42.61 1.64 26.04
C PHE A 68 42.58 2.16 27.48
N LEU A 69 41.38 2.35 28.05
CA LEU A 69 41.36 2.77 29.44
C LEU A 69 41.95 1.70 30.35
N ALA A 70 41.96 0.45 29.88
CA ALA A 70 42.58 -0.62 30.66
C ALA A 70 44.10 -0.45 30.73
N GLY A 71 44.76 -0.41 29.58
CA GLY A 71 46.19 -0.72 29.59
C GLY A 71 47.26 0.32 29.33
N ILE A 72 46.93 1.62 29.20
CA ILE A 72 47.91 2.56 28.66
C ILE A 72 48.99 2.91 29.67
N GLU A 73 48.60 3.55 30.77
CA GLU A 73 49.59 4.19 31.63
C GLU A 73 50.54 3.16 32.23
N ASN A 74 51.82 3.50 32.25
CA ASN A 74 52.85 2.60 32.73
C ASN A 74 53.88 3.41 33.51
N GLU A 75 54.59 2.71 34.41
CA GLU A 75 55.59 3.37 35.25
C GLU A 75 56.77 3.88 34.43
N GLY A 76 57.00 3.30 33.25
CA GLY A 76 58.12 3.68 32.41
C GLY A 76 59.32 2.77 32.52
N GLY A 77 59.28 1.75 33.36
CA GLY A 77 60.40 0.83 33.51
C GLY A 77 60.41 -0.25 32.45
N GLN A 78 60.66 -1.49 32.85
CA GLN A 78 60.66 -2.59 31.91
C GLN A 78 59.25 -2.88 31.41
N VAL A 79 59.14 -3.18 30.12
CA VAL A 79 57.84 -3.39 29.48
C VAL A 79 57.43 -4.85 29.67
N GLY A 80 56.26 -5.06 30.28
CA GLY A 80 55.74 -6.39 30.42
C GLY A 80 55.04 -6.88 29.16
N LEU A 81 54.99 -8.22 29.02
CA LEU A 81 54.34 -8.82 27.86
C LEU A 81 52.88 -8.40 27.75
N ARG A 82 52.23 -8.18 28.89
CA ARG A 82 50.87 -7.65 28.88
C ARG A 82 50.80 -6.30 28.18
N CYS A 83 51.80 -5.44 28.41
CA CYS A 83 51.83 -4.14 27.75
C CYS A 83 51.95 -4.30 26.23
N ARG A 84 52.83 -5.18 25.77
CA ARG A 84 53.00 -5.39 24.34
C ARG A 84 51.72 -5.88 23.71
N LEU A 85 51.07 -6.86 24.34
CA LEU A 85 49.88 -7.45 23.75
C LEU A 85 48.71 -6.48 23.78
N VAL A 86 48.57 -5.69 24.84
CA VAL A 86 47.49 -4.71 24.84
C VAL A 86 47.74 -3.65 23.78
N ALA A 87 49.01 -3.30 23.53
CA ALA A 87 49.31 -2.33 22.47
C ALA A 87 48.86 -2.86 21.11
N GLY A 88 49.27 -4.09 20.78
CA GLY A 88 48.85 -4.67 19.51
C GLY A 88 47.34 -4.78 19.38
N LEU A 89 46.67 -5.14 20.48
CA LEU A 89 45.22 -5.31 20.42
C LEU A 89 44.53 -3.96 20.22
N LEU A 90 45.06 -2.90 20.83
CA LEU A 90 44.58 -1.55 20.56
C LEU A 90 44.69 -1.22 19.07
N HIS A 91 45.85 -1.52 18.50
CA HIS A 91 46.07 -1.27 17.07
C HIS A 91 44.99 -1.93 16.23
N TYR A 92 44.76 -3.23 16.49
CA TYR A 92 43.76 -3.98 15.72
C TYR A 92 42.37 -3.37 15.86
N CYS A 93 41.95 -3.08 17.10
CA CYS A 93 40.59 -2.59 17.30
C CYS A 93 40.36 -1.27 16.57
N PHE A 94 41.32 -0.36 16.65
CA PHE A 94 41.09 0.93 16.01
C PHE A 94 41.11 0.82 14.49
N LEU A 95 41.96 -0.04 13.92
CA LEU A 95 41.87 -0.18 12.47
C LEU A 95 40.57 -0.88 12.05
N ALA A 96 39.97 -1.69 12.91
CA ALA A 96 38.62 -2.14 12.63
C ALA A 96 37.66 -0.96 12.53
N ALA A 97 37.79 0.00 13.45
CA ALA A 97 36.94 1.18 13.39
C ALA A 97 37.12 1.94 12.08
N PHE A 98 38.38 2.11 11.67
CA PHE A 98 38.64 2.91 10.46
C PHE A 98 38.46 2.13 9.16
N CYS A 99 38.18 0.83 9.23
CA CYS A 99 37.65 0.17 8.04
C CYS A 99 36.13 0.26 7.98
N TRP A 100 35.45 0.20 9.14
CA TRP A 100 34.00 0.38 9.14
C TRP A 100 33.60 1.75 8.60
N MET A 101 34.33 2.80 9.00
CA MET A 101 33.96 4.14 8.51
C MET A 101 34.12 4.25 6.99
N SER A 102 35.19 3.66 6.44
CA SER A 102 35.35 3.61 5.00
C SER A 102 34.17 2.93 4.32
N LEU A 103 33.76 1.78 4.87
CA LEU A 103 32.63 1.07 4.27
C LEU A 103 31.36 1.92 4.32
N GLU A 104 31.19 2.70 5.39
CA GLU A 104 30.03 3.58 5.46
C GLU A 104 30.08 4.65 4.37
N GLY A 105 31.26 5.21 4.11
CA GLY A 105 31.38 6.17 3.03
C GLY A 105 31.01 5.59 1.67
N LEU A 106 31.53 4.39 1.38
CA LEU A 106 31.16 3.73 0.12
C LEU A 106 29.68 3.45 0.04
N GLU A 107 29.04 3.11 1.17
CA GLU A 107 27.60 2.94 1.18
C GLU A 107 26.89 4.24 0.79
N LEU A 108 27.33 5.36 1.35
CA LEU A 108 26.70 6.63 1.00
C LEU A 108 26.82 6.93 -0.48
N TYR A 109 27.99 6.63 -1.06
CA TYR A 109 28.15 6.77 -2.50
C TYR A 109 27.12 5.94 -3.26
N PHE A 110 27.01 4.65 -2.90
CA PHE A 110 26.00 3.81 -3.56
C PHE A 110 24.59 4.32 -3.35
N LEU A 111 24.36 5.14 -2.32
CA LEU A 111 23.01 5.59 -2.01
C LEU A 111 22.70 6.98 -2.54
N VAL A 112 23.67 7.72 -3.09
CA VAL A 112 23.43 9.06 -3.62
C VAL A 112 23.57 9.11 -5.15
N VAL A 113 24.76 8.82 -5.66
CA VAL A 113 25.05 9.07 -7.07
C VAL A 113 24.35 8.04 -7.95
N ARG A 114 24.73 6.77 -7.83
CA ARG A 114 24.15 5.69 -8.63
C ARG A 114 22.95 5.13 -7.89
N VAL A 115 21.79 5.76 -8.10
CA VAL A 115 20.61 5.42 -7.32
C VAL A 115 20.08 4.03 -7.69
N PHE A 116 20.17 3.67 -8.96
CA PHE A 116 19.59 2.42 -9.45
C PHE A 116 20.20 1.21 -8.77
N SER A 122 24.15 -7.79 2.23
CA SER A 122 24.27 -8.97 3.07
C SER A 122 25.11 -8.66 4.30
N THR A 123 24.59 -9.03 5.48
CA THR A 123 25.34 -8.79 6.72
C THR A 123 26.62 -9.61 6.74
N ARG A 124 26.59 -10.81 6.17
CA ARG A 124 27.76 -11.68 6.19
C ARG A 124 28.95 -11.02 5.52
N TRP A 125 28.76 -10.48 4.32
CA TRP A 125 29.88 -9.87 3.63
C TRP A 125 30.32 -8.57 4.29
N LEU A 126 29.38 -7.84 4.89
CA LEU A 126 29.76 -6.62 5.61
C LEU A 126 30.73 -6.95 6.74
N CYS A 127 30.36 -7.92 7.58
CA CYS A 127 31.27 -8.27 8.67
C CYS A 127 32.56 -8.87 8.13
N LEU A 128 32.46 -9.67 7.07
CA LEU A 128 33.64 -10.29 6.49
C LEU A 128 34.67 -9.23 6.09
N ILE A 129 34.25 -8.23 5.31
CA ILE A 129 35.20 -7.19 4.90
C ILE A 129 35.69 -6.42 6.11
N GLY A 130 34.75 -5.90 6.91
CA GLY A 130 35.07 -4.97 7.97
C GLY A 130 35.93 -5.55 9.07
N TYR A 131 35.99 -6.88 9.19
CA TYR A 131 36.91 -7.48 10.14
C TYR A 131 38.11 -8.17 9.50
N GLY A 132 37.95 -8.75 8.31
CA GLY A 132 39.07 -9.41 7.68
C GLY A 132 40.17 -8.46 7.26
N VAL A 133 39.79 -7.28 6.74
CA VAL A 133 40.82 -6.31 6.34
C VAL A 133 41.65 -5.85 7.54
N PRO A 134 41.07 -5.37 8.65
CA PRO A 134 41.91 -4.97 9.78
C PRO A 134 42.70 -6.12 10.39
N LEU A 135 42.15 -7.34 10.37
CA LEU A 135 42.89 -8.48 10.87
C LEU A 135 44.20 -8.66 10.11
N LEU A 136 44.14 -8.58 8.78
CA LEU A 136 45.36 -8.68 7.98
C LEU A 136 46.30 -7.51 8.26
N ILE A 137 45.76 -6.29 8.27
CA ILE A 137 46.63 -5.13 8.41
C ILE A 137 47.29 -5.09 9.78
N VAL A 138 46.70 -5.74 10.79
CA VAL A 138 47.32 -5.78 12.10
C VAL A 138 48.13 -7.05 12.34
N GLY A 139 47.88 -8.12 11.60
CA GLY A 139 48.63 -9.34 11.76
C GLY A 139 49.89 -9.35 10.94
N VAL A 140 49.95 -8.49 9.91
CA VAL A 140 51.21 -8.35 9.19
C VAL A 140 52.29 -7.75 10.08
N SER A 141 51.90 -7.04 11.13
CA SER A 141 52.84 -6.47 12.08
C SER A 141 53.06 -7.36 13.30
N ALA A 142 52.46 -8.54 13.34
CA ALA A 142 52.65 -9.43 14.47
C ALA A 142 54.08 -9.94 14.57
N ALA A 143 54.79 -10.03 13.45
CA ALA A 143 56.18 -10.46 13.47
C ALA A 143 57.11 -9.43 14.07
N ILE A 144 56.67 -8.19 14.19
CA ILE A 144 57.48 -7.11 14.77
C ILE A 144 57.19 -7.11 16.26
N TYR A 145 58.14 -7.63 17.05
CA TYR A 145 58.03 -7.66 18.50
C TYR A 145 59.26 -6.98 19.10
N SER A 146 59.03 -6.10 20.07
CA SER A 146 60.06 -5.38 20.80
C SER A 146 60.90 -4.47 19.90
N LYS A 147 60.49 -4.29 18.64
CA LYS A 147 61.04 -3.25 17.78
C LYS A 147 60.34 -1.92 18.01
N GLY A 148 59.71 -1.77 19.16
CA GLY A 148 58.79 -0.71 19.50
C GLY A 148 57.40 -1.29 19.42
N TYR A 149 56.92 -1.81 20.54
CA TYR A 149 55.63 -2.49 20.59
C TYR A 149 55.24 -2.49 22.07
N GLY A 150 54.37 -1.57 22.46
CA GLY A 150 54.31 -1.19 23.86
C GLY A 150 55.34 -0.09 24.10
N ARG A 151 54.92 1.01 24.73
CA ARG A 151 55.68 2.24 24.86
C ARG A 151 56.59 2.21 26.08
N PRO A 152 57.85 2.66 25.95
CA PRO A 152 58.76 2.70 27.10
C PRO A 152 58.21 3.43 28.32
N ARG A 153 57.11 4.17 28.17
CA ARG A 153 56.45 4.80 29.31
C ARG A 153 54.93 4.70 29.26
N TYR A 154 54.38 3.96 28.31
CA TYR A 154 52.95 3.75 28.15
C TYR A 154 52.74 2.36 27.57
N CYS A 155 51.58 2.10 26.98
CA CYS A 155 51.34 0.86 26.24
C CYS A 155 50.72 1.22 24.89
N TRP A 156 51.57 1.47 23.91
CA TRP A 156 51.12 1.79 22.55
C TRP A 156 52.28 1.52 21.59
N LEU A 157 52.16 1.96 20.35
CA LEU A 157 53.19 1.76 19.35
C LEU A 157 54.25 2.85 19.46
N ASP A 158 55.42 2.56 18.88
CA ASP A 158 56.56 3.45 18.91
C ASP A 158 56.69 4.19 17.58
N PHE A 159 57.79 4.92 17.42
CA PHE A 159 58.02 5.75 16.25
C PHE A 159 59.22 5.30 15.41
N GLU A 160 59.99 4.33 15.87
CA GLU A 160 61.22 3.95 15.19
C GLU A 160 60.92 3.34 13.82
N GLN A 161 61.84 3.54 12.89
CA GLN A 161 61.79 2.93 11.55
C GLN A 161 60.48 3.28 10.83
N GLY A 162 59.82 4.35 11.28
CA GLY A 162 58.55 4.75 10.72
C GLY A 162 57.48 3.69 10.84
N PHE A 163 57.42 3.01 11.99
CA PHE A 163 56.45 1.96 12.21
C PHE A 163 55.04 2.49 12.49
N LEU A 164 54.90 3.75 12.87
CA LEU A 164 53.60 4.31 13.25
C LEU A 164 52.77 4.70 12.04
N TRP A 165 53.10 4.21 10.85
CA TRP A 165 52.29 4.49 9.68
C TRP A 165 51.26 3.40 9.40
N SER A 166 51.05 2.50 10.35
CA SER A 166 49.92 1.59 10.29
C SER A 166 48.66 2.17 10.94
N PHE A 167 48.83 3.05 11.91
CA PHE A 167 47.70 3.73 12.54
C PHE A 167 47.59 5.19 12.16
N LEU A 168 48.33 5.65 11.14
CA LEU A 168 48.12 6.99 10.61
C LEU A 168 47.98 7.00 9.08
N GLY A 169 48.59 6.04 8.40
CA GLY A 169 48.47 5.93 6.96
C GLY A 169 47.06 5.56 6.50
N PRO A 170 46.51 4.48 7.06
CA PRO A 170 45.09 4.19 6.81
C PRO A 170 44.17 5.32 7.23
N VAL A 171 44.51 6.01 8.32
CA VAL A 171 43.75 7.20 8.70
C VAL A 171 43.73 8.21 7.57
N THR A 172 44.92 8.48 7.01
CA THR A 172 45.02 9.48 5.95
C THR A 172 44.21 9.08 4.73
N PHE A 173 44.38 7.82 4.29
CA PHE A 173 43.67 7.34 3.10
C PHE A 173 42.17 7.42 3.29
N ILE A 174 41.67 6.88 4.39
CA ILE A 174 40.23 6.84 4.63
C ILE A 174 39.67 8.25 4.75
N ILE A 175 40.40 9.14 5.43
CA ILE A 175 39.91 10.51 5.58
C ILE A 175 39.83 11.19 4.23
N LEU A 176 40.83 11.01 3.36
CA LEU A 176 40.79 11.66 2.07
C LEU A 176 39.64 11.15 1.21
N CYS A 177 39.44 9.83 1.19
CA CYS A 177 38.33 9.28 0.39
C CYS A 177 36.99 9.76 0.90
N ASN A 178 36.80 9.76 2.22
CA ASN A 178 35.56 10.26 2.78
C ASN A 178 35.37 11.75 2.49
N ALA A 179 36.46 12.52 2.45
CA ALA A 179 36.35 13.94 2.13
C ALA A 179 35.89 14.14 0.69
N VAL A 180 36.45 13.36 -0.24
CA VAL A 180 36.01 13.46 -1.64
C VAL A 180 34.54 13.11 -1.76
N ILE A 181 34.11 12.04 -1.09
CA ILE A 181 32.69 11.67 -1.13
C ILE A 181 31.85 12.76 -0.48
N PHE A 182 32.37 13.42 0.55
CA PHE A 182 31.65 14.51 1.19
C PHE A 182 31.43 15.66 0.22
N VAL A 183 32.46 16.01 -0.54
CA VAL A 183 32.33 17.10 -1.51
C VAL A 183 31.30 16.74 -2.58
N THR A 184 31.36 15.51 -3.09
CA THR A 184 30.40 15.10 -4.12
C THR A 184 28.98 15.16 -3.58
N THR A 185 28.76 14.64 -2.37
CA THR A 185 27.43 14.65 -1.78
C THR A 185 26.93 16.07 -1.55
N VAL A 186 27.82 16.94 -1.08
CA VAL A 186 27.43 18.34 -0.86
C VAL A 186 26.98 18.96 -2.18
N TRP A 187 27.76 18.74 -3.25
CA TRP A 187 27.42 19.29 -4.56
C TRP A 187 26.04 18.83 -5.00
N LYS A 188 25.82 17.51 -5.01
CA LYS A 188 24.56 16.97 -5.55
C LYS A 188 23.36 17.37 -4.70
N LEU A 189 23.47 17.25 -3.37
CA LEU A 189 22.32 17.53 -2.52
C LEU A 189 22.03 19.03 -2.51
N THR A 190 23.08 19.86 -2.59
CA THR A 190 22.89 21.29 -2.82
C THR A 190 22.05 21.54 -4.06
N GLN A 191 22.44 20.91 -5.19
CA GLN A 191 21.69 21.10 -6.43
C GLN A 191 20.23 20.68 -6.26
N LYS A 192 19.99 19.57 -5.57
CA LYS A 192 18.62 19.07 -5.46
C LYS A 192 17.76 19.92 -4.53
N PHE A 193 18.34 20.46 -3.46
CA PHE A 193 17.51 21.17 -2.49
C PHE A 193 17.01 22.51 -3.02
N SER A 194 17.56 22.99 -4.14
CA SER A 194 16.96 24.15 -4.79
C SER A 194 15.58 23.84 -5.33
N GLU A 195 15.36 22.62 -5.82
CA GLU A 195 14.09 22.22 -6.40
C GLU A 195 13.18 21.50 -5.42
N ILE A 196 13.74 20.85 -4.39
CA ILE A 196 12.90 20.10 -3.46
C ILE A 196 11.99 21.05 -2.66
N ASN A 197 12.56 22.12 -2.11
CA ASN A 197 11.81 23.11 -1.33
C ASN A 197 12.19 24.51 -1.79
N PRO A 198 11.59 25.00 -2.88
CA PRO A 198 11.96 26.31 -3.40
C PRO A 198 11.35 27.49 -2.64
N ASP A 199 10.46 27.25 -1.68
CA ASP A 199 9.71 28.32 -1.02
C ASP A 199 10.17 28.60 0.40
N MET A 200 11.29 28.02 0.84
CA MET A 200 11.78 28.23 2.19
C MET A 200 12.97 29.17 2.18
N LYS A 201 13.12 29.93 3.26
CA LYS A 201 14.13 30.97 3.34
C LYS A 201 15.53 30.39 3.25
N LYS A 202 16.47 31.24 2.83
CA LYS A 202 17.86 30.80 2.65
C LYS A 202 18.49 30.41 3.98
N LEU A 203 18.14 31.11 5.06
CA LEU A 203 18.76 30.83 6.36
C LEU A 203 18.45 29.43 6.84
N LYS A 204 17.18 29.01 6.74
CA LYS A 204 16.81 27.67 7.18
C LYS A 204 17.46 26.60 6.31
N LYS A 205 17.55 26.85 5.00
CA LYS A 205 18.28 25.95 4.11
C LYS A 205 19.72 25.78 4.56
N ALA A 206 20.41 26.90 4.80
CA ALA A 206 21.79 26.85 5.23
C ALA A 206 21.93 26.12 6.56
N ARG A 207 21.00 26.35 7.49
CA ARG A 207 21.09 25.71 8.79
C ARG A 207 20.92 24.20 8.68
N ALA A 208 19.92 23.73 7.92
CA ALA A 208 19.70 22.30 7.79
C ALA A 208 20.86 21.63 7.06
N LEU A 209 21.35 22.26 5.99
CA LEU A 209 22.50 21.71 5.28
C LEU A 209 23.73 21.64 6.19
N THR A 210 23.93 22.66 7.02
CA THR A 210 25.06 22.65 7.94
C THR A 210 24.92 21.55 8.97
N ILE A 211 23.71 21.32 9.49
CA ILE A 211 23.51 20.25 10.46
C ILE A 211 23.84 18.90 9.84
N THR A 212 23.34 18.65 8.62
CA THR A 212 23.63 17.38 7.97
C THR A 212 25.12 17.24 7.69
N ALA A 213 25.75 18.33 7.25
CA ALA A 213 27.19 18.29 7.01
C ALA A 213 27.96 17.94 8.27
N ILE A 214 27.50 18.43 9.43
CA ILE A 214 28.16 18.09 10.68
C ILE A 214 27.97 16.61 11.01
N ALA A 215 26.75 16.10 10.79
CA ALA A 215 26.49 14.69 11.11
C ALA A 215 27.41 13.76 10.32
N GLN A 216 27.44 13.92 9.01
CA GLN A 216 28.39 13.11 8.24
C GLN A 216 29.81 13.67 8.26
N LEU A 217 30.06 14.77 8.97
CA LEU A 217 31.44 15.10 9.33
C LEU A 217 31.93 14.14 10.41
N PHE A 218 31.13 13.93 11.45
CA PHE A 218 31.55 13.04 12.52
C PHE A 218 31.52 11.57 12.10
N LEU A 219 30.44 11.11 11.47
CA LEU A 219 30.40 9.70 11.09
C LEU A 219 31.48 9.36 10.07
N LEU A 220 31.53 10.11 8.97
CA LEU A 220 32.62 9.96 8.01
C LEU A 220 33.85 10.59 8.60
N GLY A 221 34.50 9.89 9.52
CA GLY A 221 35.53 10.46 10.37
C GLY A 221 36.55 11.33 9.65
N CYS A 222 36.53 12.61 9.97
CA CYS A 222 37.39 13.60 9.34
C CYS A 222 38.17 14.44 10.33
N THR A 223 37.82 14.42 11.62
CA THR A 223 38.58 15.14 12.61
C THR A 223 40.02 14.64 12.68
N TRP A 224 40.20 13.33 12.55
CA TRP A 224 41.49 12.68 12.77
C TRP A 224 42.59 13.22 11.87
N VAL A 225 42.24 14.10 10.93
CA VAL A 225 43.24 14.75 10.10
C VAL A 225 44.18 15.62 10.91
N PHE A 226 43.77 16.04 12.12
CA PHE A 226 44.71 16.74 13.00
C PHE A 226 45.90 15.85 13.33
N GLY A 227 45.72 14.54 13.31
CA GLY A 227 46.82 13.62 13.50
C GLY A 227 47.82 13.63 12.37
N LEU A 228 47.67 14.58 11.45
CA LEU A 228 48.65 14.82 10.41
C LEU A 228 49.33 16.18 10.55
N PHE A 229 48.80 17.06 11.40
CA PHE A 229 49.44 18.34 11.69
C PHE A 229 49.77 18.50 13.16
N ILE A 230 50.00 17.39 13.87
CA ILE A 230 50.39 17.43 15.27
C ILE A 230 51.89 17.24 15.44
N PHE A 231 52.59 16.75 14.42
CA PHE A 231 54.02 16.49 14.53
C PHE A 231 54.84 17.76 14.67
N ASP A 232 54.24 18.92 14.43
CA ASP A 232 54.86 20.17 14.85
C ASP A 232 54.72 20.30 16.36
N ASP A 233 55.84 20.26 17.06
CA ASP A 233 55.85 20.20 18.53
C ASP A 233 55.85 21.58 19.16
N ARG A 234 54.93 22.44 18.73
CA ARG A 234 54.74 23.74 19.36
C ARG A 234 53.27 24.03 19.70
N SER A 235 52.34 23.64 18.83
CA SER A 235 50.95 24.09 18.92
C SER A 235 50.17 23.19 19.88
N LEU A 236 50.26 23.51 21.17
CA LEU A 236 49.42 22.85 22.15
C LEU A 236 47.94 23.06 21.87
N VAL A 237 47.59 24.15 21.18
CA VAL A 237 46.18 24.40 20.88
C VAL A 237 45.65 23.36 19.90
N LEU A 238 46.49 22.90 18.96
CA LEU A 238 46.05 21.86 18.05
C LEU A 238 45.87 20.52 18.77
N THR A 239 46.79 20.21 19.69
CA THR A 239 46.57 19.08 20.59
C THR A 239 45.24 19.19 21.30
N TYR A 240 44.91 20.39 21.77
CA TYR A 240 43.67 20.57 22.53
C TYR A 240 42.45 20.41 21.65
N VAL A 241 42.47 20.97 20.44
CA VAL A 241 41.30 20.83 19.58
C VAL A 241 41.14 19.36 19.18
N PHE A 242 42.25 18.64 18.98
CA PHE A 242 42.16 17.20 18.75
C PHE A 242 41.48 16.51 19.91
N THR A 243 41.97 16.76 21.14
CA THR A 243 41.41 16.08 22.30
C THR A 243 39.96 16.47 22.56
N ILE A 244 39.52 17.61 22.04
CA ILE A 244 38.14 18.01 22.24
C ILE A 244 37.23 17.39 21.18
N LEU A 245 37.66 17.42 19.92
CA LEU A 245 36.82 16.93 18.83
C LEU A 245 36.78 15.41 18.77
N ASN A 246 37.87 14.75 19.15
CA ASN A 246 37.99 13.31 18.90
C ASN A 246 37.37 12.48 20.02
N CYS A 247 37.80 12.69 21.26
CA CYS A 247 37.36 11.82 22.34
C CYS A 247 35.87 11.94 22.65
N LEU A 248 35.19 12.95 22.11
CA LEU A 248 33.74 13.02 22.17
C LEU A 248 33.09 12.31 20.99
N GLN A 249 33.80 11.39 20.35
CA GLN A 249 33.28 10.76 19.13
C GLN A 249 32.00 9.98 19.41
N GLY A 250 31.97 9.22 20.50
CA GLY A 250 30.76 8.47 20.82
C GLY A 250 29.57 9.38 21.09
N ALA A 251 29.79 10.46 21.82
CA ALA A 251 28.70 11.38 22.14
C ALA A 251 28.13 12.01 20.87
N PHE A 252 29.00 12.43 19.96
CA PHE A 252 28.53 13.01 18.71
C PHE A 252 27.82 11.97 17.86
N LEU A 253 28.33 10.73 17.82
CA LEU A 253 27.64 9.69 17.08
C LEU A 253 26.23 9.49 17.61
N TYR A 254 26.09 9.37 18.92
CA TYR A 254 24.79 9.08 19.51
C TYR A 254 23.86 10.28 19.37
N LEU A 255 24.43 11.49 19.29
CA LEU A 255 23.62 12.67 19.09
C LEU A 255 23.14 12.80 17.63
N LEU A 256 23.99 12.41 16.68
CA LEU A 256 23.68 12.65 15.28
C LEU A 256 22.93 11.50 14.61
N HIS A 257 23.49 10.29 14.62
CA HIS A 257 22.86 9.19 13.90
C HIS A 257 22.10 8.24 14.81
N CYS A 258 21.85 8.62 16.06
CA CYS A 258 21.05 7.80 16.97
C CYS A 258 19.91 8.58 17.58
N LEU A 259 20.09 9.87 17.86
CA LEU A 259 19.05 10.65 18.51
C LEU A 259 18.21 11.43 17.51
N LEU A 260 18.86 12.06 16.51
CA LEU A 260 18.14 12.93 15.61
C LEU A 260 17.32 12.17 14.57
N ASN A 261 17.62 10.89 14.33
CA ASN A 261 16.90 10.13 13.32
C ASN A 261 15.46 9.89 13.74
N LYS A 262 14.53 10.15 12.81
CA LYS A 262 13.12 9.92 13.05
C LYS A 262 12.77 8.44 13.15
N LYS A 263 13.66 7.55 12.72
CA LYS A 263 13.35 6.12 12.76
C LYS A 263 13.16 5.63 14.18
N VAL A 264 14.00 6.07 15.11
CA VAL A 264 13.92 5.64 16.51
C VAL A 264 13.23 6.67 17.40
N ARG A 265 13.02 7.90 16.91
CA ARG A 265 12.39 8.93 17.73
C ARG A 265 10.99 8.50 18.17
N GLU A 266 10.16 8.08 17.23
CA GLU A 266 8.80 7.65 17.51
C GLU A 266 8.73 6.15 17.82
N GLU A 267 9.85 5.55 18.18
CA GLU A 267 9.92 4.13 18.50
C GLU A 267 10.46 3.84 19.89
N TYR A 268 11.46 4.56 20.36
CA TYR A 268 11.95 4.45 21.73
C TYR A 268 10.89 4.87 22.74
N ARG A 269 10.12 5.91 22.43
CA ARG A 269 9.03 6.31 23.31
C ARG A 269 7.98 5.21 23.43
N LYS A 270 7.64 4.55 22.32
CA LYS A 270 6.70 3.44 22.37
C LYS A 270 7.27 2.24 23.11
N TRP A 271 8.55 1.91 22.89
CA TRP A 271 9.20 0.84 23.61
C TRP A 271 9.30 1.12 25.11
N ALA A 272 9.36 2.39 25.51
CA ALA A 272 9.26 2.72 26.92
C ALA A 272 7.91 2.33 27.49
N CYS A 273 6.87 2.30 26.66
CA CYS A 273 5.53 1.87 27.06
C CYS A 273 5.26 0.43 26.66
N LEU A 274 6.31 -0.38 26.51
CA LEU A 274 6.14 -1.79 26.20
C LEU A 274 5.45 -2.51 27.35
N VAL A 275 5.86 -2.22 28.58
CA VAL A 275 5.24 -2.80 29.76
C VAL A 275 5.46 -1.91 30.97
N SER B 8 -34.14 -2.19 -20.53
CA SER B 8 -35.26 -1.87 -21.42
C SER B 8 -36.49 -2.69 -21.06
N ILE B 9 -37.16 -3.23 -22.09
CA ILE B 9 -38.35 -4.03 -21.85
C ILE B 9 -38.01 -5.31 -21.11
N ALA B 10 -36.94 -6.00 -21.54
CA ALA B 10 -36.57 -7.26 -20.91
C ALA B 10 -36.16 -7.05 -19.45
N GLN B 11 -35.36 -6.03 -19.18
CA GLN B 11 -34.92 -5.75 -17.81
C GLN B 11 -36.11 -5.40 -16.92
N ALA B 12 -37.03 -4.58 -17.44
CA ALA B 12 -38.22 -4.21 -16.67
C ALA B 12 -39.08 -5.44 -16.39
N ARG B 13 -39.25 -6.32 -17.38
CA ARG B 13 -40.03 -7.53 -17.17
C ARG B 13 -39.38 -8.44 -16.14
N LYS B 14 -38.06 -8.58 -16.20
CA LYS B 14 -37.36 -9.40 -15.22
C LYS B 14 -37.50 -8.82 -13.81
N LEU B 15 -37.39 -7.49 -13.69
CA LEU B 15 -37.57 -6.85 -12.40
C LEU B 15 -38.98 -7.07 -11.87
N VAL B 16 -39.98 -6.93 -12.73
CA VAL B 16 -41.37 -7.14 -12.32
C VAL B 16 -41.58 -8.56 -11.86
N GLU B 17 -41.06 -9.54 -12.60
CA GLU B 17 -41.20 -10.94 -12.22
C GLU B 17 -40.51 -11.22 -10.88
N GLN B 18 -39.30 -10.69 -10.71
CA GLN B 18 -38.57 -10.91 -9.45
C GLN B 18 -39.32 -10.31 -8.27
N LEU B 19 -39.82 -9.09 -8.43
CA LEU B 19 -40.57 -8.45 -7.35
C LEU B 19 -41.85 -9.22 -7.05
N LYS B 20 -42.55 -9.69 -8.09
CA LYS B 20 -43.77 -10.45 -7.89
C LYS B 20 -43.50 -11.74 -7.12
N MET B 21 -42.43 -12.45 -7.51
CA MET B 21 -42.09 -13.68 -6.81
C MET B 21 -41.71 -13.42 -5.36
N GLU B 22 -40.93 -12.35 -5.12
CA GLU B 22 -40.45 -12.10 -3.77
C GLU B 22 -41.56 -11.59 -2.85
N ALA B 23 -42.52 -10.82 -3.38
CA ALA B 23 -43.55 -10.23 -2.54
C ALA B 23 -44.53 -11.28 -1.99
N ASN B 24 -44.50 -12.50 -2.49
CA ASN B 24 -45.40 -13.56 -2.03
C ASN B 24 -44.68 -14.60 -1.18
N ILE B 25 -43.72 -14.16 -0.36
CA ILE B 25 -42.94 -15.05 0.49
C ILE B 25 -43.25 -14.71 1.95
N ASP B 26 -43.58 -15.74 2.73
CA ASP B 26 -43.91 -15.55 4.13
C ASP B 26 -42.67 -15.18 4.93
N ARG B 27 -42.87 -14.42 6.01
CA ARG B 27 -41.79 -13.99 6.87
C ARG B 27 -42.20 -14.17 8.33
N ILE B 28 -41.19 -14.33 9.19
CA ILE B 28 -41.41 -14.53 10.62
C ILE B 28 -40.95 -13.28 11.37
N LYS B 29 -41.40 -13.17 12.62
CA LYS B 29 -41.01 -12.05 13.46
C LYS B 29 -39.55 -12.17 13.86
N VAL B 30 -38.89 -11.01 14.02
CA VAL B 30 -37.46 -11.01 14.30
C VAL B 30 -37.17 -11.50 15.72
N SER B 31 -38.18 -11.46 16.60
CA SER B 31 -37.97 -11.93 17.97
C SER B 31 -37.59 -13.40 17.99
N LYS B 32 -38.20 -14.21 17.10
CA LYS B 32 -37.82 -15.61 17.02
C LYS B 32 -36.37 -15.77 16.58
N ALA B 33 -35.93 -14.96 15.62
CA ALA B 33 -34.55 -15.03 15.17
C ALA B 33 -33.59 -14.67 16.29
N ALA B 34 -33.90 -13.61 17.03
CA ALA B 34 -33.04 -13.22 18.16
C ALA B 34 -33.01 -14.29 19.23
N ALA B 35 -34.15 -14.91 19.51
CA ALA B 35 -34.20 -15.99 20.49
C ALA B 35 -33.33 -17.16 20.04
N ASP B 36 -33.39 -17.53 18.76
CA ASP B 36 -32.57 -18.62 18.27
C ASP B 36 -31.09 -18.28 18.35
N LEU B 37 -30.75 -17.03 18.05
CA LEU B 37 -29.36 -16.60 18.16
C LEU B 37 -28.87 -16.72 19.60
N MET B 38 -29.67 -16.26 20.57
CA MET B 38 -29.30 -16.41 21.96
C MET B 38 -29.14 -17.87 22.35
N ALA B 39 -30.07 -18.72 21.90
CA ALA B 39 -30.03 -20.12 22.26
C ALA B 39 -28.75 -20.77 21.78
N TYR B 40 -28.37 -20.52 20.53
CA TYR B 40 -27.15 -21.16 20.04
C TYR B 40 -25.90 -20.54 20.65
N CYS B 41 -25.96 -19.24 20.99
CA CYS B 41 -24.82 -18.62 21.68
C CYS B 41 -24.60 -19.27 23.04
N GLU B 42 -25.68 -19.58 23.75
CA GLU B 42 -25.56 -20.26 25.03
C GLU B 42 -25.59 -21.78 24.88
N ALA B 43 -25.51 -22.29 23.66
CA ALA B 43 -25.55 -23.74 23.45
C ALA B 43 -24.15 -24.35 23.45
N HIS B 44 -23.14 -23.60 23.03
CA HIS B 44 -21.78 -24.12 22.92
C HIS B 44 -20.77 -23.15 23.51
N ALA B 45 -21.13 -22.45 24.59
CA ALA B 45 -20.19 -21.55 25.23
C ALA B 45 -18.99 -22.28 25.80
N LYS B 46 -19.22 -23.43 26.45
CA LYS B 46 -18.16 -24.14 27.16
C LYS B 46 -17.15 -24.80 26.23
N GLU B 47 -17.44 -24.91 24.94
CA GLU B 47 -16.55 -25.56 24.00
C GLU B 47 -15.66 -24.59 23.23
N ASP B 48 -15.85 -23.29 23.41
CA ASP B 48 -15.03 -22.31 22.70
C ASP B 48 -13.89 -21.85 23.59
N PRO B 49 -12.64 -22.19 23.28
CA PRO B 49 -11.53 -21.71 24.12
C PRO B 49 -11.37 -20.21 24.16
N LEU B 50 -11.72 -19.50 23.08
CA LEU B 50 -11.53 -18.05 23.06
C LEU B 50 -12.64 -17.31 23.81
N LEU B 51 -13.40 -18.02 24.63
CA LEU B 51 -14.21 -17.43 25.69
C LEU B 51 -13.83 -17.96 27.05
N THR B 52 -13.59 -19.27 27.16
CA THR B 52 -13.15 -19.91 28.41
C THR B 52 -11.89 -20.73 28.10
N PRO B 53 -10.70 -20.19 28.36
CA PRO B 53 -9.47 -20.85 27.89
C PRO B 53 -9.21 -22.17 28.60
N VAL B 54 -8.13 -22.81 28.18
CA VAL B 54 -7.76 -24.13 28.66
C VAL B 54 -6.40 -24.03 29.35
N PRO B 55 -6.07 -24.99 30.21
CA PRO B 55 -4.76 -24.96 30.89
C PRO B 55 -3.60 -25.10 29.92
N ALA B 56 -2.42 -24.73 30.40
CA ALA B 56 -1.24 -24.56 29.56
C ALA B 56 -0.80 -25.85 28.89
N SER B 57 -1.26 -27.01 29.35
CA SER B 57 -0.91 -28.27 28.71
C SER B 57 -1.93 -28.74 27.69
N GLU B 58 -3.01 -27.99 27.47
CA GLU B 58 -4.01 -28.31 26.47
C GLU B 58 -4.03 -27.30 25.32
N ASN B 59 -3.44 -26.12 25.50
CA ASN B 59 -3.29 -25.13 24.44
C ASN B 59 -1.99 -25.43 23.71
N PRO B 60 -2.05 -25.95 22.48
CA PRO B 60 -0.84 -26.55 21.89
C PRO B 60 0.19 -25.55 21.42
N PHE B 61 -0.12 -24.26 21.40
CA PHE B 61 0.88 -23.28 20.98
C PHE B 61 1.75 -22.85 22.15
N ARG B 62 1.17 -22.68 23.34
CA ARG B 62 1.95 -22.34 24.52
C ARG B 62 2.94 -23.45 24.87
N GLU B 63 2.47 -24.70 24.85
CA GLU B 63 3.30 -25.85 25.17
C GLU B 63 4.49 -25.97 24.22
N LEU C 5 16.00 -37.26 17.56
CA LEU C 5 14.80 -36.64 17.01
C LEU C 5 13.87 -37.69 16.41
N SER C 6 12.56 -37.47 16.60
CA SER C 6 11.57 -38.36 16.01
C SER C 6 11.38 -38.02 14.53
N ALA C 7 10.65 -38.91 13.83
CA ALA C 7 10.48 -38.75 12.39
C ALA C 7 9.72 -37.49 12.04
N GLU C 8 8.70 -37.15 12.83
CA GLU C 8 7.89 -35.96 12.54
C GLU C 8 8.74 -34.70 12.54
N ASP C 9 9.62 -34.56 13.54
CA ASP C 9 10.47 -33.38 13.59
C ASP C 9 11.49 -33.39 12.46
N LYS C 10 11.98 -34.58 12.10
CA LYS C 10 12.89 -34.70 10.96
C LYS C 10 12.24 -34.12 9.71
N ALA C 11 11.02 -34.60 9.40
CA ALA C 11 10.33 -34.15 8.20
C ALA C 11 10.03 -32.65 8.27
N ALA C 12 9.57 -32.17 9.42
CA ALA C 12 9.22 -30.76 9.53
C ALA C 12 10.44 -29.87 9.32
N VAL C 13 11.58 -30.23 9.91
CA VAL C 13 12.78 -29.41 9.77
C VAL C 13 13.28 -29.42 8.34
N GLU C 14 13.32 -30.60 7.71
CA GLU C 14 13.76 -30.65 6.32
C GLU C 14 12.88 -29.81 5.42
N ARG C 15 11.56 -29.91 5.59
CA ARG C 15 10.63 -29.18 4.74
C ARG C 15 10.80 -27.67 4.91
N SER C 16 10.79 -27.21 6.17
CA SER C 16 10.92 -25.78 6.42
C SER C 16 12.23 -25.24 5.86
N LYS C 17 13.31 -26.01 6.00
CA LYS C 17 14.61 -25.54 5.51
C LYS C 17 14.60 -25.38 4.00
N MET C 18 14.11 -26.41 3.28
CA MET C 18 14.09 -26.31 1.82
C MET C 18 13.23 -25.14 1.36
N ILE C 19 12.06 -24.96 1.97
CA ILE C 19 11.16 -23.90 1.52
C ILE C 19 11.73 -22.52 1.82
N GLU C 20 12.40 -22.36 2.97
CA GLU C 20 13.03 -21.08 3.27
C GLU C 20 14.17 -20.79 2.30
N LYS C 21 14.91 -21.82 1.91
CA LYS C 21 15.93 -21.63 0.88
C LYS C 21 15.30 -21.07 -0.39
N GLN C 22 14.20 -21.67 -0.84
CA GLN C 22 13.57 -21.22 -2.08
C GLN C 22 13.09 -19.76 -1.97
N LEU C 23 12.43 -19.43 -0.87
CA LEU C 23 11.92 -18.06 -0.72
C LEU C 23 13.06 -17.04 -0.67
N GLN C 24 14.14 -17.36 0.03
CA GLN C 24 15.29 -16.48 0.06
C GLN C 24 15.88 -16.28 -1.33
N LYS C 25 15.89 -17.33 -2.14
CA LYS C 25 16.34 -17.16 -3.52
C LYS C 25 15.41 -16.22 -4.29
N ASP C 26 14.11 -16.30 -4.04
CA ASP C 26 13.16 -15.52 -4.83
C ASP C 26 13.08 -14.05 -4.44
N LYS C 27 13.55 -13.69 -3.24
CA LYS C 27 13.51 -12.28 -2.81
C LYS C 27 14.22 -11.36 -3.79
N GLN C 28 15.43 -11.72 -4.19
CA GLN C 28 16.21 -10.86 -5.09
C GLN C 28 15.50 -10.69 -6.42
N VAL C 29 14.97 -11.78 -6.97
CA VAL C 29 14.29 -11.70 -8.26
C VAL C 29 13.07 -10.79 -8.17
N TYR C 30 12.32 -10.87 -7.08
CA TYR C 30 11.17 -9.99 -6.93
C TYR C 30 11.61 -8.53 -6.88
N ARG C 31 12.68 -8.23 -6.14
CA ARG C 31 13.09 -6.83 -6.01
C ARG C 31 13.82 -6.28 -7.23
N ALA C 32 14.28 -7.15 -8.13
CA ALA C 32 15.11 -6.67 -9.23
C ALA C 32 14.32 -5.97 -10.33
N THR C 33 13.04 -6.32 -10.50
CA THR C 33 12.27 -5.88 -11.67
C THR C 33 11.26 -4.80 -11.29
N HIS C 34 11.14 -3.79 -12.15
CA HIS C 34 10.29 -2.64 -11.90
C HIS C 34 8.92 -2.81 -12.56
N ARG C 35 7.90 -2.23 -11.95
CA ARG C 35 6.52 -2.41 -12.38
C ARG C 35 5.86 -1.06 -12.59
N LEU C 36 5.07 -0.97 -13.67
CA LEU C 36 4.45 0.28 -14.09
C LEU C 36 2.99 0.01 -14.46
N LEU C 37 2.17 1.05 -14.39
CA LEU C 37 0.79 0.94 -14.83
C LEU C 37 0.57 1.80 -16.07
N LEU C 38 -0.37 1.39 -16.93
CA LEU C 38 -0.64 2.06 -18.19
C LEU C 38 -2.11 2.40 -18.31
N LEU C 39 -2.42 3.69 -18.38
CA LEU C 39 -3.79 4.16 -18.57
C LEU C 39 -3.88 5.08 -19.77
N GLY C 40 -5.02 4.99 -20.46
CA GLY C 40 -5.26 5.81 -21.63
C GLY C 40 -6.69 5.60 -22.10
N ALA C 41 -7.02 6.29 -23.18
CA ALA C 41 -8.36 6.28 -23.73
C ALA C 41 -8.43 5.42 -24.99
N ASP C 42 -9.65 5.23 -25.49
CA ASP C 42 -9.87 4.35 -26.62
C ASP C 42 -9.21 4.89 -27.89
N ASN C 43 -9.34 6.19 -28.15
CA ASN C 43 -8.69 6.83 -29.28
C ASN C 43 -7.33 7.40 -28.93
N SER C 44 -6.89 7.23 -27.67
CA SER C 44 -5.70 7.91 -27.19
C SER C 44 -4.45 7.48 -27.96
N GLY C 45 -4.31 6.21 -28.26
CA GLY C 45 -3.11 5.72 -28.89
C GLY C 45 -2.24 4.87 -28.01
N LYS C 46 -2.83 4.25 -26.97
CA LYS C 46 -2.06 3.39 -26.08
C LYS C 46 -1.26 2.37 -26.85
N SER C 47 -1.92 1.67 -27.78
CA SER C 47 -1.25 0.59 -28.51
C SER C 47 -0.09 1.11 -29.35
N THR C 48 -0.12 2.38 -29.76
CA THR C 48 0.99 2.91 -30.54
C THR C 48 2.27 2.94 -29.71
N ILE C 49 2.22 3.55 -28.53
CA ILE C 49 3.38 3.54 -27.66
C ILE C 49 3.65 2.14 -27.12
N VAL C 50 2.64 1.27 -27.05
CA VAL C 50 2.86 -0.12 -26.66
C VAL C 50 3.75 -0.82 -27.67
N LYS C 51 3.47 -0.60 -28.97
CA LYS C 51 4.34 -1.15 -30.00
C LYS C 51 5.72 -0.49 -29.97
N GLN C 52 5.76 0.83 -29.81
CA GLN C 52 7.03 1.54 -29.76
C GLN C 52 7.89 1.10 -28.59
N MET C 53 7.28 0.60 -27.51
CA MET C 53 8.03 0.13 -26.35
C MET C 53 8.20 -1.38 -26.31
N ARG C 54 7.42 -2.12 -27.10
CA ARG C 54 7.78 -3.49 -27.47
C ARG C 54 9.02 -3.50 -28.34
N ILE C 55 9.23 -2.43 -29.11
CA ILE C 55 10.49 -2.29 -29.84
C ILE C 55 11.67 -2.35 -28.86
N TYR C 56 11.51 -1.77 -27.67
CA TYR C 56 12.54 -1.77 -26.64
C TYR C 56 12.77 -3.15 -26.01
N HIS C 57 12.06 -4.18 -26.45
CA HIS C 57 12.23 -5.51 -25.88
C HIS C 57 13.61 -6.09 -26.20
N THR C 181 -10.64 -12.41 -24.23
CA THR C 181 -10.71 -13.52 -23.30
C THR C 181 -9.96 -13.21 -22.02
N SER C 182 -8.64 -13.11 -22.11
CA SER C 182 -7.81 -12.86 -20.94
C SER C 182 -8.09 -11.47 -20.38
N GLY C 183 -8.08 -11.36 -19.06
CA GLY C 183 -8.45 -10.14 -18.39
C GLY C 183 -7.34 -9.13 -18.15
N ILE C 184 -6.11 -9.41 -18.57
CA ILE C 184 -5.01 -8.47 -18.37
C ILE C 184 -3.87 -8.88 -19.29
N PHE C 185 -3.14 -7.90 -19.80
CA PHE C 185 -2.06 -8.15 -20.75
C PHE C 185 -0.76 -7.58 -20.21
N GLU C 186 0.35 -8.19 -20.61
CA GLU C 186 1.66 -7.87 -20.09
C GLU C 186 2.60 -7.46 -21.21
N THR C 187 3.60 -6.64 -20.88
CA THR C 187 4.68 -6.34 -21.81
C THR C 187 5.96 -6.13 -21.01
N LYS C 188 7.09 -6.51 -21.62
CA LYS C 188 8.39 -6.48 -20.96
C LYS C 188 9.37 -5.67 -21.81
N PHE C 189 10.32 -5.00 -21.15
CA PHE C 189 11.40 -4.37 -21.90
C PHE C 189 12.58 -4.08 -20.98
N GLN C 190 13.72 -3.75 -21.60
CA GLN C 190 14.98 -3.61 -20.89
C GLN C 190 15.68 -2.33 -21.32
N VAL C 191 15.93 -1.44 -20.35
CA VAL C 191 16.63 -0.18 -20.59
C VAL C 191 17.77 -0.07 -19.59
N ASP C 192 18.99 0.06 -20.08
CA ASP C 192 20.19 0.26 -19.25
C ASP C 192 20.28 -0.79 -18.15
N LYS C 193 20.13 -2.05 -18.55
CA LYS C 193 20.24 -3.19 -17.64
C LYS C 193 19.23 -3.13 -16.49
N VAL C 194 18.09 -2.49 -16.72
CA VAL C 194 16.97 -2.51 -15.78
C VAL C 194 15.73 -2.94 -16.54
N ASN C 195 14.96 -3.84 -15.95
CA ASN C 195 13.79 -4.43 -16.59
C ASN C 195 12.52 -3.73 -16.15
N PHE C 196 11.61 -3.51 -17.08
CA PHE C 196 10.31 -2.92 -16.79
C PHE C 196 9.18 -3.80 -17.29
N HIS C 197 8.16 -3.95 -16.44
CA HIS C 197 6.93 -4.66 -16.73
C HIS C 197 5.78 -3.66 -16.84
N MET C 198 5.07 -3.67 -17.96
CA MET C 198 3.83 -2.89 -18.05
C MET C 198 2.63 -3.82 -18.07
N PHE C 199 1.56 -3.35 -17.43
CA PHE C 199 0.34 -4.11 -17.20
C PHE C 199 -0.82 -3.37 -17.85
N ASP C 200 -1.13 -3.70 -19.09
CA ASP C 200 -2.29 -3.12 -19.75
C ASP C 200 -3.53 -3.90 -19.33
N VAL C 201 -4.66 -3.20 -19.25
CA VAL C 201 -5.88 -3.79 -18.73
C VAL C 201 -6.95 -3.79 -19.80
N GLY C 202 -7.40 -4.99 -20.17
CA GLY C 202 -8.47 -5.15 -21.13
C GLY C 202 -9.39 -6.28 -20.70
N ALA C 203 -10.48 -6.45 -21.46
CA ALA C 203 -11.48 -7.49 -21.19
C ALA C 203 -12.03 -7.38 -19.78
N GLN C 204 -12.19 -6.15 -19.31
CA GLN C 204 -12.86 -5.85 -18.05
C GLN C 204 -14.04 -4.94 -18.33
N ARG C 205 -14.72 -4.54 -17.28
CA ARG C 205 -15.86 -3.66 -17.43
C ARG C 205 -15.43 -2.20 -17.24
N ASP C 206 -16.39 -1.30 -17.34
CA ASP C 206 -16.11 0.13 -17.32
C ASP C 206 -16.21 0.74 -15.93
N GLU C 207 -16.25 -0.07 -14.89
CA GLU C 207 -16.13 0.41 -13.53
C GLU C 207 -14.75 0.00 -13.02
N ARG C 208 -13.89 0.98 -12.74
CA ARG C 208 -12.49 0.71 -12.45
C ARG C 208 -12.08 1.26 -11.09
N ARG C 209 -12.99 1.24 -10.12
CA ARG C 209 -12.67 1.69 -8.78
C ARG C 209 -12.24 0.56 -7.86
N LYS C 210 -12.14 -0.67 -8.35
CA LYS C 210 -11.79 -1.81 -7.52
C LYS C 210 -10.58 -2.59 -7.98
N TRP C 211 -10.25 -2.59 -9.27
CA TRP C 211 -9.04 -3.24 -9.73
C TRP C 211 -7.86 -2.30 -9.89
N ILE C 212 -8.01 -1.02 -9.52
CA ILE C 212 -6.83 -0.14 -9.45
C ILE C 212 -6.16 -0.24 -8.09
N GLN C 213 -6.90 -0.63 -7.05
CA GLN C 213 -6.35 -0.70 -5.70
C GLN C 213 -5.12 -1.59 -5.64
N CYS C 214 -5.07 -2.63 -6.45
CA CYS C 214 -3.95 -3.57 -6.42
C CYS C 214 -2.69 -3.00 -7.04
N PHE C 215 -2.72 -1.77 -7.57
CA PHE C 215 -1.55 -1.15 -8.18
C PHE C 215 -0.95 -0.07 -7.31
N ASN C 216 -1.06 -0.20 -5.98
CA ASN C 216 -0.58 0.80 -5.05
C ASN C 216 0.84 0.54 -4.57
N ASP C 217 1.63 -0.21 -5.32
CA ASP C 217 3.02 -0.45 -4.96
C ASP C 217 3.92 -0.44 -6.19
N VAL C 218 3.57 0.33 -7.21
CA VAL C 218 4.33 0.36 -8.45
C VAL C 218 5.03 1.71 -8.57
N THR C 219 6.01 1.77 -9.48
CA THR C 219 6.86 2.94 -9.58
C THR C 219 6.13 4.13 -10.18
N ALA C 220 5.40 3.94 -11.28
CA ALA C 220 4.83 5.08 -11.97
C ALA C 220 3.62 4.68 -12.81
N ILE C 221 2.89 5.72 -13.23
CA ILE C 221 1.72 5.58 -14.11
C ILE C 221 1.99 6.31 -15.41
N ILE C 222 1.83 5.63 -16.53
CA ILE C 222 1.92 6.24 -17.85
C ILE C 222 0.50 6.60 -18.27
N PHE C 223 0.22 7.90 -18.39
CA PHE C 223 -1.08 8.41 -18.77
C PHE C 223 -0.98 8.96 -20.18
N VAL C 224 -1.74 8.40 -21.11
CA VAL C 224 -1.65 8.79 -22.52
C VAL C 224 -2.88 9.58 -22.90
N VAL C 225 -2.67 10.74 -23.53
CA VAL C 225 -3.75 11.63 -23.92
C VAL C 225 -3.52 12.12 -25.34
N ASP C 226 -4.63 12.44 -26.01
CA ASP C 226 -4.63 12.99 -27.35
C ASP C 226 -4.77 14.50 -27.30
N SER C 227 -4.07 15.19 -28.20
CA SER C 227 -4.04 16.64 -28.22
C SER C 227 -4.75 17.25 -29.44
N SER C 228 -5.67 16.53 -30.05
CA SER C 228 -6.26 16.98 -31.31
C SER C 228 -7.78 16.85 -31.35
N ASP C 229 -8.44 16.75 -30.21
CA ASP C 229 -9.89 16.64 -30.16
C ASP C 229 -10.39 17.36 -28.92
N TYR C 230 -11.09 18.49 -29.12
CA TYR C 230 -11.47 19.35 -28.01
C TYR C 230 -12.70 18.87 -27.28
N ASN C 231 -13.47 17.95 -27.86
CA ASN C 231 -14.65 17.44 -27.18
C ASN C 231 -14.30 16.47 -26.06
N ARG C 232 -13.10 15.89 -26.09
CA ARG C 232 -12.69 14.87 -25.13
C ARG C 232 -11.57 15.33 -24.22
N LEU C 233 -11.01 16.52 -24.44
CA LEU C 233 -9.92 16.98 -23.61
C LEU C 233 -10.38 17.23 -22.18
N GLN C 234 -11.61 17.72 -22.01
CA GLN C 234 -12.13 17.90 -20.66
C GLN C 234 -12.27 16.56 -19.94
N GLU C 235 -12.71 15.53 -20.65
CA GLU C 235 -12.82 14.20 -20.05
C GLU C 235 -11.45 13.65 -19.66
N ALA C 236 -10.44 13.86 -20.51
CA ALA C 236 -9.09 13.43 -20.15
C ALA C 236 -8.57 14.19 -18.93
N LEU C 237 -8.88 15.49 -18.86
CA LEU C 237 -8.50 16.27 -17.68
C LEU C 237 -9.15 15.71 -16.42
N ASN C 238 -10.43 15.32 -16.53
CA ASN C 238 -11.10 14.75 -15.38
C ASN C 238 -10.49 13.40 -14.98
N ASP C 239 -10.06 12.62 -15.96
CA ASP C 239 -9.37 11.36 -15.66
C ASP C 239 -8.08 11.62 -14.89
N PHE C 240 -7.30 12.61 -15.32
CA PHE C 240 -6.09 12.97 -14.59
C PHE C 240 -6.41 13.41 -13.17
N LYS C 241 -7.44 14.24 -13.02
CA LYS C 241 -7.88 14.66 -11.69
C LYS C 241 -8.19 13.45 -10.83
N SER C 242 -8.92 12.47 -11.38
CA SER C 242 -9.35 11.34 -10.59
C SER C 242 -8.17 10.48 -10.15
N ILE C 243 -7.22 10.23 -11.05
CA ILE C 243 -6.09 9.39 -10.68
C ILE C 243 -5.19 10.10 -9.67
N TRP C 244 -5.00 11.41 -9.85
CA TRP C 244 -4.04 12.15 -9.02
C TRP C 244 -4.42 12.14 -7.54
N ASN C 245 -5.70 12.33 -7.24
CA ASN C 245 -6.14 12.56 -5.87
C ASN C 245 -6.56 11.28 -5.15
N ASN C 246 -6.24 10.10 -5.68
CA ASN C 246 -6.68 8.85 -5.06
C ASN C 246 -5.90 8.57 -3.78
N ARG C 247 -6.59 7.95 -2.81
CA ARG C 247 -5.97 7.70 -1.52
C ARG C 247 -4.83 6.69 -1.62
N TRP C 248 -5.09 5.55 -2.26
CA TRP C 248 -4.08 4.50 -2.40
C TRP C 248 -3.07 4.82 -3.48
N LEU C 249 -3.20 5.97 -4.15
CA LEU C 249 -2.29 6.38 -5.20
C LEU C 249 -1.63 7.72 -4.90
N ARG C 250 -1.46 8.06 -3.62
CA ARG C 250 -0.84 9.32 -3.21
C ARG C 250 0.66 9.20 -3.01
N THR C 251 1.32 8.26 -3.66
CA THR C 251 2.76 8.15 -3.52
C THR C 251 3.40 7.77 -4.86
N ILE C 252 2.64 7.74 -5.94
CA ILE C 252 3.13 7.31 -7.24
C ILE C 252 3.17 8.49 -8.18
N SER C 253 4.26 8.60 -8.94
CA SER C 253 4.41 9.64 -9.92
C SER C 253 3.70 9.29 -11.23
N VAL C 254 3.40 10.33 -12.00
CA VAL C 254 2.70 10.23 -13.27
C VAL C 254 3.62 10.73 -14.36
N ILE C 255 3.95 9.87 -15.31
CA ILE C 255 4.54 10.31 -16.57
C ILE C 255 3.41 10.46 -17.58
N LEU C 256 3.38 11.61 -18.25
CA LEU C 256 2.23 12.03 -19.05
C LEU C 256 2.66 12.23 -20.49
N PHE C 257 1.96 11.60 -21.43
CA PHE C 257 2.30 11.68 -22.84
C PHE C 257 1.18 12.39 -23.59
N LEU C 258 1.47 13.58 -24.11
CA LEU C 258 0.63 14.28 -25.05
C LEU C 258 0.94 13.73 -26.44
N ASN C 259 -0.07 13.34 -27.19
CA ASN C 259 0.16 12.63 -28.43
C ASN C 259 -0.63 13.26 -29.58
N LYS C 260 -0.20 12.94 -30.79
CA LYS C 260 -0.78 13.45 -32.03
C LYS C 260 -0.70 14.98 -32.08
N GLN C 261 0.54 15.47 -32.05
CA GLN C 261 0.78 16.91 -32.10
C GLN C 261 0.56 17.46 -33.50
N ASP C 262 0.99 16.72 -34.52
CA ASP C 262 0.89 17.20 -35.89
C ASP C 262 -0.55 17.47 -36.29
N LEU C 263 -1.48 16.65 -35.78
CA LEU C 263 -2.88 16.89 -36.08
C LEU C 263 -3.37 18.19 -35.48
N LEU C 264 -2.93 18.52 -34.26
CA LEU C 264 -3.28 19.80 -33.67
C LEU C 264 -2.70 20.95 -34.48
N ALA C 265 -1.44 20.81 -34.91
CA ALA C 265 -0.83 21.85 -35.75
C ALA C 265 -1.64 22.08 -37.02
N GLU C 266 -2.01 21.00 -37.71
CA GLU C 266 -2.77 21.14 -38.94
C GLU C 266 -4.14 21.75 -38.67
N LYS C 267 -4.77 21.37 -37.56
CA LYS C 267 -6.09 21.90 -37.23
C LYS C 267 -6.05 23.41 -36.99
N VAL C 268 -5.05 23.89 -36.23
CA VAL C 268 -5.04 25.31 -35.92
C VAL C 268 -4.43 26.12 -37.06
N LEU C 269 -3.68 25.49 -37.96
CA LEU C 269 -3.22 26.20 -39.14
C LEU C 269 -4.34 26.37 -40.17
N ALA C 270 -5.17 25.34 -40.36
CA ALA C 270 -6.29 25.47 -41.28
C ALA C 270 -7.27 26.54 -40.82
N GLY C 271 -7.55 26.58 -39.51
CA GLY C 271 -8.44 27.58 -38.97
C GLY C 271 -9.92 27.30 -39.18
N LYS C 272 -10.28 26.06 -39.51
CA LYS C 272 -11.70 25.74 -39.71
C LYS C 272 -12.50 25.96 -38.45
N SER C 273 -11.96 25.55 -37.30
CA SER C 273 -12.60 25.79 -36.01
C SER C 273 -11.55 26.26 -35.03
N LYS C 274 -12.00 27.01 -34.02
CA LYS C 274 -11.11 27.68 -33.09
C LYS C 274 -11.10 26.96 -31.75
N ILE C 275 -9.93 26.94 -31.11
CA ILE C 275 -9.83 26.42 -29.75
C ILE C 275 -10.67 27.26 -28.81
N GLU C 276 -10.87 28.54 -29.13
CA GLU C 276 -11.67 29.40 -28.28
C GLU C 276 -13.13 28.95 -28.25
N ASP C 277 -13.55 28.19 -29.27
CA ASP C 277 -14.91 27.66 -29.28
C ASP C 277 -15.18 26.81 -28.04
N TYR C 278 -14.16 26.13 -27.54
CA TYR C 278 -14.28 25.24 -26.39
C TYR C 278 -13.50 25.71 -25.17
N PHE C 279 -12.41 26.45 -25.35
CA PHE C 279 -11.60 26.97 -24.24
C PHE C 279 -11.54 28.49 -24.32
N PRO C 280 -12.24 29.20 -23.43
CA PRO C 280 -12.29 30.67 -23.57
C PRO C 280 -10.97 31.39 -23.37
N GLU C 281 -10.28 31.13 -22.27
CA GLU C 281 -9.17 31.98 -21.83
C GLU C 281 -8.00 31.99 -22.80
N PHE C 282 -8.10 31.22 -23.89
CA PHE C 282 -7.11 31.33 -24.95
C PHE C 282 -7.11 32.72 -25.57
N ALA C 283 -8.17 33.50 -25.38
CA ALA C 283 -8.16 34.88 -25.86
C ALA C 283 -7.21 35.76 -25.08
N ARG C 284 -6.71 35.31 -23.92
CA ARG C 284 -5.91 36.15 -23.04
C ARG C 284 -4.66 35.42 -22.56
N TYR C 285 -3.88 34.85 -23.47
CA TYR C 285 -2.73 34.03 -23.13
C TYR C 285 -1.54 34.40 -23.99
N THR C 286 -0.39 34.56 -23.36
CA THR C 286 0.87 34.81 -24.04
C THR C 286 1.82 33.63 -23.81
N THR C 287 2.68 33.39 -24.80
CA THR C 287 3.57 32.25 -24.73
C THR C 287 4.46 32.36 -23.49
N PRO C 288 4.69 31.25 -22.77
CA PRO C 288 5.57 31.30 -21.60
C PRO C 288 6.96 31.81 -21.95
N GLU C 289 7.53 32.58 -21.03
CA GLU C 289 8.85 33.16 -21.26
C GLU C 289 9.95 32.11 -21.35
N ASP C 290 9.72 30.92 -20.80
CA ASP C 290 10.67 29.83 -20.88
C ASP C 290 10.30 28.80 -21.94
N ALA C 291 9.34 29.11 -22.80
CA ALA C 291 9.00 28.21 -23.89
C ALA C 291 10.16 28.12 -24.89
N THR C 292 10.38 26.93 -25.41
CA THR C 292 11.51 26.64 -26.30
C THR C 292 11.00 26.00 -27.57
N PRO C 293 10.49 26.80 -28.51
CA PRO C 293 10.03 26.25 -29.81
C PRO C 293 11.18 25.97 -30.76
N GLU C 294 11.82 24.81 -30.56
CA GLU C 294 13.03 24.48 -31.31
C GLU C 294 12.80 24.29 -32.81
N PRO C 295 11.92 23.39 -33.26
CA PRO C 295 11.94 22.99 -34.68
C PRO C 295 11.60 24.11 -35.68
N GLY C 296 11.37 25.34 -35.23
CA GLY C 296 11.03 26.39 -36.17
C GLY C 296 9.56 26.34 -36.58
N GLU C 297 8.67 26.53 -35.60
CA GLU C 297 7.24 26.43 -35.82
C GLU C 297 6.58 27.80 -35.75
N ASP C 298 5.34 27.85 -36.21
CA ASP C 298 4.54 29.06 -36.11
C ASP C 298 4.28 29.37 -34.63
N PRO C 299 4.16 30.65 -34.27
CA PRO C 299 3.88 30.98 -32.86
C PRO C 299 2.59 30.40 -32.33
N ARG C 300 1.53 30.31 -33.15
CA ARG C 300 0.24 29.86 -32.65
C ARG C 300 0.30 28.40 -32.24
N VAL C 301 1.09 27.58 -32.95
CA VAL C 301 1.30 26.20 -32.54
C VAL C 301 1.85 26.15 -31.12
N THR C 302 2.87 26.97 -30.84
CA THR C 302 3.46 27.00 -29.51
C THR C 302 2.45 27.48 -28.47
N ARG C 303 1.69 28.52 -28.82
CA ARG C 303 0.63 29.00 -27.92
C ARG C 303 -0.29 27.86 -27.50
N ALA C 304 -0.81 27.12 -28.49
CA ALA C 304 -1.77 26.06 -28.19
C ALA C 304 -1.14 24.93 -27.39
N LYS C 305 0.06 24.49 -27.79
CA LYS C 305 0.73 23.43 -27.05
C LYS C 305 0.87 23.80 -25.58
N TYR C 306 1.39 24.99 -25.33
CA TYR C 306 1.63 25.37 -23.93
C TYR C 306 0.33 25.64 -23.19
N PHE C 307 -0.74 26.00 -23.91
CA PHE C 307 -2.03 26.09 -23.24
C PHE C 307 -2.46 24.74 -22.69
N ILE C 308 -2.34 23.69 -23.51
CA ILE C 308 -2.75 22.36 -23.06
C ILE C 308 -1.86 21.89 -21.91
N ARG C 309 -0.54 22.08 -22.06
CA ARG C 309 0.36 21.60 -21.02
C ARG C 309 0.11 22.32 -19.71
N ASP C 310 -0.15 23.64 -19.77
CA ASP C 310 -0.48 24.39 -18.57
C ASP C 310 -1.80 23.93 -17.97
N GLU C 311 -2.76 23.53 -18.81
CA GLU C 311 -4.01 23.02 -18.28
C GLU C 311 -3.77 21.77 -17.44
N PHE C 312 -2.85 20.91 -17.87
CA PHE C 312 -2.55 19.72 -17.06
C PHE C 312 -1.71 20.07 -15.82
N LEU C 313 -0.70 20.91 -15.98
CA LEU C 313 0.18 21.20 -14.86
C LEU C 313 -0.49 22.06 -13.79
N ARG C 314 -1.55 22.80 -14.14
CA ARG C 314 -2.30 23.51 -13.11
C ARG C 314 -2.91 22.52 -12.12
N ILE C 315 -3.50 21.44 -12.62
CA ILE C 315 -3.96 20.37 -11.75
C ILE C 315 -2.79 19.73 -11.01
N SER C 316 -1.68 19.54 -11.71
CA SER C 316 -0.54 18.87 -11.09
C SER C 316 0.06 19.66 -9.93
N THR C 317 -0.03 20.99 -9.96
CA THR C 317 0.55 21.81 -8.91
C THR C 317 -0.48 22.38 -7.95
N ALA C 318 -1.77 22.14 -8.19
CA ALA C 318 -2.79 22.66 -7.28
C ALA C 318 -2.65 22.06 -5.88
N SER C 319 -2.37 20.75 -5.79
CA SER C 319 -2.40 20.10 -4.48
C SER C 319 -1.24 19.12 -4.27
N GLY C 320 -0.10 19.31 -4.94
CA GLY C 320 1.04 18.46 -4.70
C GLY C 320 1.66 18.74 -3.34
N ASP C 321 2.40 17.73 -2.83
CA ASP C 321 2.95 17.83 -1.49
C ASP C 321 4.38 17.29 -1.39
N GLY C 322 5.15 17.32 -2.48
CA GLY C 322 6.53 16.86 -2.44
C GLY C 322 6.70 15.36 -2.47
N ARG C 323 5.62 14.59 -2.35
CA ARG C 323 5.71 13.14 -2.42
C ARG C 323 5.68 12.65 -3.86
N HIS C 324 4.75 13.16 -4.66
CA HIS C 324 4.59 12.74 -6.04
C HIS C 324 4.51 13.98 -6.94
N TYR C 325 5.10 13.88 -8.12
CA TYR C 325 5.15 14.98 -9.06
C TYR C 325 4.85 14.47 -10.47
N CYS C 326 4.24 15.33 -11.28
CA CYS C 326 4.03 15.04 -12.68
C CYS C 326 5.31 15.26 -13.47
N TYR C 327 5.32 14.77 -14.71
CA TYR C 327 6.42 15.00 -15.64
C TYR C 327 5.86 15.05 -17.05
N PRO C 328 5.39 16.23 -17.49
CA PRO C 328 4.78 16.32 -18.82
C PRO C 328 5.79 16.11 -19.92
N HIS C 329 5.29 15.82 -21.12
CA HIS C 329 6.17 15.65 -22.28
C HIS C 329 5.41 15.96 -23.56
N PHE C 330 6.19 16.22 -24.61
CA PHE C 330 5.70 16.52 -25.96
C PHE C 330 6.16 15.41 -26.90
N THR C 331 5.21 14.71 -27.50
CA THR C 331 5.55 13.62 -28.41
C THR C 331 4.44 13.43 -29.43
N CYS C 332 4.78 12.74 -30.51
CA CYS C 332 3.85 12.44 -31.59
C CYS C 332 3.96 10.97 -31.92
N SER C 333 3.04 10.51 -32.79
CA SER C 333 2.90 9.08 -33.06
C SER C 333 4.13 8.48 -33.73
N VAL C 334 5.15 9.25 -34.03
CA VAL C 334 6.32 8.76 -34.73
C VAL C 334 7.58 8.88 -33.86
N ASP C 335 7.41 8.99 -32.54
CA ASP C 335 8.55 9.13 -31.65
C ASP C 335 9.27 7.80 -31.51
N THR C 336 10.49 7.86 -30.97
CA THR C 336 11.27 6.67 -30.70
C THR C 336 12.01 6.78 -29.36
N GLU C 337 11.75 7.82 -28.58
CA GLU C 337 12.50 8.08 -27.35
C GLU C 337 11.58 8.20 -26.13
N ASN C 338 10.65 7.26 -25.98
CA ASN C 338 9.70 7.34 -24.87
C ASN C 338 10.20 6.57 -23.65
N ALA C 339 10.75 5.37 -23.86
CA ALA C 339 11.23 4.56 -22.75
C ALA C 339 12.36 5.27 -22.00
N ARG C 340 13.17 6.06 -22.70
CA ARG C 340 14.22 6.82 -22.03
C ARG C 340 13.63 7.86 -21.09
N ARG C 341 12.54 8.51 -21.51
CA ARG C 341 11.87 9.47 -20.65
C ARG C 341 11.34 8.79 -19.40
N ILE C 342 10.73 7.61 -19.58
CA ILE C 342 10.27 6.84 -18.43
C ILE C 342 11.44 6.51 -17.51
N PHE C 343 12.56 6.11 -18.10
CA PHE C 343 13.78 5.80 -17.35
C PHE C 343 14.19 6.96 -16.46
N ASN C 344 14.28 8.16 -17.04
CA ASN C 344 14.77 9.31 -16.29
C ASN C 344 13.83 9.68 -15.16
N ASP C 345 12.51 9.69 -15.43
CA ASP C 345 11.59 10.00 -14.34
C ASP C 345 11.65 8.97 -13.22
N CYS C 346 11.75 7.68 -13.57
CA CYS C 346 11.85 6.65 -12.56
C CYS C 346 13.12 6.79 -11.74
N ARG C 347 14.23 7.14 -12.39
CA ARG C 347 15.49 7.37 -11.67
C ARG C 347 15.35 8.50 -10.66
N ASP C 348 14.74 9.60 -11.09
CA ASP C 348 14.52 10.70 -10.17
C ASP C 348 13.63 10.29 -9.00
N ILE C 349 12.61 9.47 -9.27
CA ILE C 349 11.72 9.04 -8.19
C ILE C 349 12.49 8.21 -7.18
N ILE C 350 13.24 7.22 -7.63
CA ILE C 350 13.98 6.36 -6.70
C ILE C 350 14.98 7.19 -5.90
N GLN C 351 15.65 8.14 -6.55
CA GLN C 351 16.58 8.99 -5.83
C GLN C 351 15.88 9.79 -4.74
N ARG C 352 14.78 10.45 -5.09
CA ARG C 352 14.07 11.24 -4.10
C ARG C 352 13.43 10.38 -3.01
N MET C 353 13.31 9.07 -3.22
CA MET C 353 12.82 8.20 -2.16
C MET C 353 13.90 7.84 -1.14
N HIS C 354 15.12 7.56 -1.59
CA HIS C 354 16.19 7.21 -0.67
C HIS C 354 16.57 8.38 0.22
N LEU C 355 16.59 9.58 -0.33
CA LEU C 355 16.95 10.76 0.45
C LEU C 355 15.90 11.17 1.41
N ARG C 356 14.87 10.36 1.65
CA ARG C 356 13.87 10.68 2.66
C ARG C 356 13.70 9.58 3.70
N GLN C 357 14.22 8.37 3.46
CA GLN C 357 14.16 7.31 4.45
C GLN C 357 15.46 7.16 5.23
N TYR C 358 16.57 7.65 4.71
CA TYR C 358 17.85 7.58 5.40
C TYR C 358 18.24 8.89 6.07
N GLU C 359 18.09 10.02 5.39
CA GLU C 359 18.50 11.30 5.93
C GLU C 359 17.30 12.15 6.31
N GLN D 23 -33.33 1.94 -1.29
CA GLN D 23 -31.91 1.83 -1.59
C GLN D 23 -31.31 3.18 -1.99
N VAL D 24 -30.99 3.31 -3.27
CA VAL D 24 -30.39 4.51 -3.82
C VAL D 24 -31.41 5.18 -4.73
N GLN D 25 -31.71 6.45 -4.45
CA GLN D 25 -32.72 7.19 -5.19
C GLN D 25 -32.16 8.52 -5.66
N LEU D 26 -32.16 8.72 -6.99
CA LEU D 26 -31.78 9.99 -7.60
C LEU D 26 -32.83 10.34 -8.66
N GLN D 27 -33.58 11.41 -8.43
CA GLN D 27 -34.67 11.78 -9.32
C GLN D 27 -34.45 13.19 -9.84
N GLU D 28 -34.58 13.36 -11.15
CA GLU D 28 -34.30 14.62 -11.81
C GLU D 28 -35.57 15.46 -11.96
N SER D 29 -35.39 16.70 -12.38
CA SER D 29 -36.52 17.60 -12.60
C SER D 29 -36.06 18.82 -13.41
N GLY D 30 -36.92 19.26 -14.33
CA GLY D 30 -36.72 20.53 -14.99
C GLY D 30 -36.49 20.51 -16.50
N GLY D 31 -37.06 19.53 -17.19
CA GLY D 31 -36.93 19.47 -18.63
C GLY D 31 -37.92 20.39 -19.34
N GLY D 32 -37.91 20.30 -20.66
CA GLY D 32 -38.82 21.08 -21.48
C GLY D 32 -38.15 21.48 -22.78
N LEU D 33 -38.95 22.13 -23.63
CA LEU D 33 -38.52 22.60 -24.94
C LEU D 33 -38.61 24.12 -24.99
N VAL D 34 -37.59 24.75 -25.57
CA VAL D 34 -37.51 26.21 -25.62
C VAL D 34 -36.75 26.64 -26.86
N GLN D 35 -37.04 27.86 -27.33
CA GLN D 35 -36.26 28.51 -28.37
C GLN D 35 -35.04 29.20 -27.74
N PRO D 36 -34.00 29.48 -28.54
CA PRO D 36 -32.76 30.01 -27.97
C PRO D 36 -32.98 31.32 -27.23
N GLY D 37 -32.24 31.50 -26.14
CA GLY D 37 -32.38 32.66 -25.29
C GLY D 37 -33.10 32.44 -23.98
N GLY D 38 -33.23 31.18 -23.53
CA GLY D 38 -34.02 30.85 -22.36
C GLY D 38 -33.17 30.47 -21.15
N SER D 39 -33.79 30.66 -19.98
CA SER D 39 -33.16 30.41 -18.69
C SER D 39 -33.97 29.35 -17.95
N LEU D 40 -33.29 28.30 -17.50
CA LEU D 40 -33.95 27.16 -16.88
C LEU D 40 -33.25 26.77 -15.58
N ARG D 41 -33.89 25.88 -14.84
CA ARG D 41 -33.44 25.44 -13.52
C ARG D 41 -33.54 23.92 -13.45
N LEU D 42 -32.41 23.22 -13.59
CA LEU D 42 -32.37 21.77 -13.46
C LEU D 42 -32.07 21.41 -12.01
N SER D 43 -32.89 20.51 -11.45
CA SER D 43 -32.71 20.07 -10.07
C SER D 43 -32.63 18.55 -10.04
N CYS D 44 -31.91 18.03 -9.04
CA CYS D 44 -31.82 16.58 -8.86
C CYS D 44 -31.84 16.28 -7.36
N ALA D 45 -32.86 15.53 -6.93
CA ALA D 45 -33.08 15.18 -5.53
C ALA D 45 -32.52 13.79 -5.24
N ALA D 46 -31.90 13.66 -4.08
CA ALA D 46 -31.23 12.44 -3.65
C ALA D 46 -31.84 11.92 -2.36
N SER D 47 -31.87 10.61 -2.22
CA SER D 47 -32.35 9.98 -1.00
C SER D 47 -31.78 8.57 -0.89
N GLY D 48 -31.32 8.22 0.31
CA GLY D 48 -30.78 6.89 0.55
C GLY D 48 -29.35 6.89 1.07
N PHE D 49 -28.93 7.98 1.69
CA PHE D 49 -27.58 8.11 2.25
C PHE D 49 -27.50 9.45 2.97
N THR D 50 -26.38 9.67 3.64
CA THR D 50 -26.11 10.94 4.33
C THR D 50 -25.46 11.87 3.31
N PHE D 51 -26.24 12.83 2.81
CA PHE D 51 -25.79 13.68 1.71
C PHE D 51 -24.83 14.77 2.14
N SER D 52 -24.55 14.90 3.44
CA SER D 52 -23.69 15.99 3.90
C SER D 52 -22.25 15.85 3.43
N ASN D 53 -21.79 14.65 3.10
CA ASN D 53 -20.38 14.40 2.90
C ASN D 53 -20.06 13.67 1.60
N TYR D 54 -20.86 13.84 0.55
CA TYR D 54 -20.61 13.19 -0.73
C TYR D 54 -20.38 14.22 -1.83
N LYS D 55 -19.27 14.08 -2.54
CA LYS D 55 -19.00 14.87 -3.74
C LYS D 55 -20.03 14.55 -4.82
N MET D 56 -20.37 15.54 -5.65
CA MET D 56 -21.39 15.30 -6.66
C MET D 56 -21.05 15.95 -7.99
N ASN D 57 -21.71 15.45 -9.05
CA ASN D 57 -21.47 15.92 -10.41
C ASN D 57 -22.77 15.96 -11.21
N TRP D 58 -22.70 16.67 -12.34
CA TRP D 58 -23.72 16.70 -13.37
C TRP D 58 -23.14 16.20 -14.68
N VAL D 59 -23.82 15.21 -15.29
CA VAL D 59 -23.47 14.70 -16.62
C VAL D 59 -24.69 14.76 -17.51
N ARG D 60 -24.48 14.73 -18.83
CA ARG D 60 -25.58 14.77 -19.77
C ARG D 60 -25.25 13.89 -20.97
N GLN D 61 -26.31 13.53 -21.69
CA GLN D 61 -26.18 12.81 -22.96
C GLN D 61 -27.10 13.45 -23.99
N ALA D 62 -26.53 13.96 -25.07
CA ALA D 62 -27.27 14.51 -26.18
C ALA D 62 -27.66 13.41 -27.17
N PRO D 63 -28.76 13.58 -27.90
CA PRO D 63 -29.17 12.55 -28.86
C PRO D 63 -28.05 12.21 -29.82
N GLY D 64 -27.81 10.91 -30.00
CA GLY D 64 -26.77 10.44 -30.88
C GLY D 64 -25.37 10.56 -30.34
N LYS D 65 -25.19 11.15 -29.17
CA LYS D 65 -23.89 11.31 -28.54
C LYS D 65 -23.74 10.33 -27.39
N GLY D 66 -22.56 10.35 -26.78
CA GLY D 66 -22.25 9.50 -25.65
C GLY D 66 -22.53 10.18 -24.33
N LEU D 67 -21.73 9.85 -23.33
CA LEU D 67 -21.81 10.47 -22.02
C LEU D 67 -20.65 11.45 -21.86
N GLU D 68 -20.97 12.70 -21.55
CA GLU D 68 -19.97 13.75 -21.35
C GLU D 68 -20.25 14.46 -20.04
N TRP D 69 -19.20 15.02 -19.45
CA TRP D 69 -19.27 15.62 -18.13
C TRP D 69 -19.52 17.12 -18.21
N VAL D 70 -20.40 17.61 -17.35
CA VAL D 70 -20.80 19.00 -17.34
C VAL D 70 -20.21 19.75 -16.15
N SER D 71 -20.42 19.24 -14.94
CA SER D 71 -19.98 20.05 -13.80
C SER D 71 -19.72 19.18 -12.58
N ASP D 72 -19.04 19.77 -11.60
CA ASP D 72 -18.51 19.09 -10.43
C ASP D 72 -18.59 20.02 -9.24
N ILE D 73 -18.81 19.46 -8.05
CA ILE D 73 -18.82 20.26 -6.83
C ILE D 73 -18.50 19.36 -5.64
N SER D 74 -17.70 19.90 -4.72
CA SER D 74 -17.10 19.16 -3.62
C SER D 74 -17.99 19.21 -2.37
N GLN D 75 -17.41 18.85 -1.23
CA GLN D 75 -18.20 18.48 -0.05
C GLN D 75 -18.94 19.67 0.54
N SER D 76 -18.23 20.78 0.77
CA SER D 76 -18.76 21.86 1.58
C SER D 76 -19.37 23.00 0.78
N GLY D 77 -18.90 23.26 -0.43
CA GLY D 77 -19.38 24.35 -1.22
C GLY D 77 -18.35 25.43 -1.51
N ALA D 78 -17.10 25.23 -1.11
CA ALA D 78 -16.05 26.22 -1.33
C ALA D 78 -15.27 25.98 -2.61
N SER D 79 -15.38 24.79 -3.21
CA SER D 79 -14.67 24.47 -4.44
C SER D 79 -15.70 24.23 -5.53
N ILE D 80 -15.65 25.06 -6.58
CA ILE D 80 -16.60 25.02 -7.68
C ILE D 80 -15.80 24.91 -8.98
N SER D 81 -16.33 24.15 -9.93
CA SER D 81 -15.64 23.95 -11.19
C SER D 81 -16.66 23.73 -12.29
N TYR D 82 -16.27 24.06 -13.52
CA TYR D 82 -17.17 24.03 -14.67
C TYR D 82 -16.45 23.49 -15.88
N THR D 83 -17.08 23.67 -17.04
CA THR D 83 -16.56 23.22 -18.32
C THR D 83 -16.39 24.42 -19.23
N GLY D 84 -15.36 24.39 -20.08
CA GLY D 84 -15.10 25.50 -20.97
C GLY D 84 -16.28 25.83 -21.87
N SER D 85 -16.93 24.80 -22.42
CA SER D 85 -18.07 25.02 -23.30
C SER D 85 -19.21 25.74 -22.59
N VAL D 86 -19.25 25.68 -21.26
CA VAL D 86 -20.30 26.32 -20.48
C VAL D 86 -19.67 27.26 -19.46
N LYS D 87 -18.52 27.83 -19.80
CA LYS D 87 -17.70 28.53 -18.82
C LYS D 87 -18.36 29.80 -18.30
N GLY D 88 -19.31 30.37 -19.05
CA GLY D 88 -19.87 31.64 -18.62
C GLY D 88 -21.37 31.67 -18.45
N ARG D 89 -22.05 30.57 -18.74
CA ARG D 89 -23.50 30.54 -18.79
C ARG D 89 -24.17 29.86 -17.60
N PHE D 90 -23.53 28.86 -17.00
CA PHE D 90 -24.18 27.98 -16.04
C PHE D 90 -23.71 28.23 -14.62
N THR D 91 -24.51 27.73 -13.68
CA THR D 91 -24.21 27.78 -12.25
C THR D 91 -24.45 26.40 -11.64
N ILE D 92 -23.53 25.96 -10.77
CA ILE D 92 -23.62 24.67 -10.10
C ILE D 92 -23.67 24.90 -8.60
N SER D 93 -24.81 24.57 -7.98
CA SER D 93 -24.99 24.79 -6.55
C SER D 93 -25.57 23.54 -5.91
N ARG D 94 -25.64 23.54 -4.59
CA ARG D 94 -26.16 22.38 -3.87
C ARG D 94 -26.70 22.80 -2.51
N ASP D 95 -27.59 21.97 -1.99
CA ASP D 95 -28.12 22.12 -0.64
C ASP D 95 -27.95 20.79 0.07
N ASN D 96 -27.15 20.80 1.14
CA ASN D 96 -26.94 19.64 2.01
C ASN D 96 -27.98 19.56 3.11
N ALA D 97 -29.04 20.36 3.04
CA ALA D 97 -30.17 20.27 3.94
C ALA D 97 -31.46 19.91 3.23
N LYS D 98 -31.66 20.42 2.02
CA LYS D 98 -32.69 19.91 1.12
C LYS D 98 -32.18 18.78 0.25
N ASN D 99 -30.90 18.43 0.38
CA ASN D 99 -30.32 17.25 -0.27
C ASN D 99 -30.52 17.28 -1.78
N THR D 100 -30.22 18.42 -2.39
CA THR D 100 -30.50 18.57 -3.82
C THR D 100 -29.35 19.25 -4.52
N LEU D 101 -29.00 18.76 -5.70
CA LEU D 101 -27.98 19.36 -6.55
C LEU D 101 -28.66 20.14 -7.68
N TYR D 102 -28.17 21.36 -7.94
CA TYR D 102 -28.81 22.28 -8.88
C TYR D 102 -27.85 22.72 -9.97
N LEU D 103 -28.38 22.83 -11.19
CA LEU D 103 -27.74 23.51 -12.30
C LEU D 103 -28.67 24.63 -12.77
N GLN D 104 -28.11 25.79 -13.03
CA GLN D 104 -28.87 26.98 -13.41
C GLN D 104 -28.35 27.47 -14.76
N MET D 105 -29.27 27.81 -15.66
CA MET D 105 -28.93 28.24 -17.02
C MET D 105 -29.67 29.52 -17.35
N ASN D 106 -29.03 30.39 -18.13
CA ASN D 106 -29.55 31.72 -18.41
C ASN D 106 -29.85 31.94 -19.89
N SER D 107 -28.89 31.67 -20.78
CA SER D 107 -29.07 31.92 -22.21
C SER D 107 -28.54 30.72 -22.98
N LEU D 108 -29.45 29.91 -23.50
CA LEU D 108 -29.11 28.61 -24.07
C LEU D 108 -28.85 28.71 -25.56
N LYS D 109 -28.36 27.61 -26.12
CA LYS D 109 -28.10 27.46 -27.54
C LYS D 109 -28.80 26.22 -28.08
N PRO D 110 -29.06 26.17 -29.39
CA PRO D 110 -29.62 24.96 -29.98
C PRO D 110 -28.73 23.74 -29.86
N GLU D 111 -27.45 23.91 -29.56
CA GLU D 111 -26.51 22.80 -29.42
C GLU D 111 -26.49 22.22 -28.00
N ASP D 112 -27.56 22.40 -27.23
CA ASP D 112 -27.62 21.91 -25.86
C ASP D 112 -28.84 21.03 -25.60
N THR D 113 -29.37 20.39 -26.64
CA THR D 113 -30.46 19.44 -26.45
C THR D 113 -29.89 18.11 -25.98
N ALA D 114 -30.37 17.65 -24.82
CA ALA D 114 -29.80 16.46 -24.19
C ALA D 114 -30.73 16.02 -23.06
N VAL D 115 -30.28 15.01 -22.30
CA VAL D 115 -30.92 14.57 -21.08
C VAL D 115 -29.87 14.53 -19.98
N TYR D 116 -30.24 15.02 -18.80
CA TYR D 116 -29.30 15.32 -17.71
C TYR D 116 -29.47 14.35 -16.55
N TYR D 117 -28.35 13.82 -16.07
CA TYR D 117 -28.26 12.94 -14.91
C TYR D 117 -27.42 13.60 -13.84
N CYS D 118 -27.77 13.40 -12.57
CA CYS D 118 -26.92 13.81 -11.46
C CYS D 118 -26.21 12.58 -10.94
N ALA D 119 -24.91 12.68 -10.72
CA ALA D 119 -24.10 11.53 -10.35
C ALA D 119 -23.50 11.73 -8.96
N ARG D 120 -23.56 10.68 -8.16
CA ARG D 120 -22.99 10.62 -6.83
C ARG D 120 -21.59 10.03 -6.88
N CYS D 121 -20.88 10.25 -5.89
CA CYS D 121 -19.57 9.63 -5.92
C CYS D 121 -19.60 8.25 -5.27
N PRO D 122 -18.68 7.36 -5.66
CA PRO D 122 -18.70 6.02 -5.07
C PRO D 122 -18.53 6.00 -3.56
N ALA D 123 -17.43 6.55 -3.05
CA ALA D 123 -17.04 6.39 -1.65
C ALA D 123 -17.33 7.65 -0.85
N PRO D 124 -17.44 7.55 0.47
CA PRO D 124 -17.58 8.75 1.30
C PRO D 124 -16.23 9.29 1.79
N PHE D 125 -16.30 10.53 2.27
CA PHE D 125 -15.19 11.17 3.00
C PHE D 125 -13.91 11.24 2.17
N THR D 126 -14.02 11.46 0.87
CA THR D 126 -12.84 11.44 0.02
C THR D 126 -13.08 12.38 -1.17
N ARG D 127 -11.97 12.87 -1.74
CA ARG D 127 -12.01 13.86 -2.80
C ARG D 127 -11.95 13.28 -4.20
N ASP D 128 -11.31 12.15 -4.42
CA ASP D 128 -11.33 11.53 -5.74
C ASP D 128 -12.69 10.90 -6.03
N CYS D 129 -13.06 10.87 -7.31
CA CYS D 129 -14.40 10.48 -7.72
C CYS D 129 -14.28 9.71 -9.03
N PHE D 130 -14.64 8.43 -9.01
CA PHE D 130 -14.49 7.55 -10.16
C PHE D 130 -15.84 7.20 -10.79
N ASP D 131 -15.85 7.14 -12.12
CA ASP D 131 -16.79 6.34 -12.91
C ASP D 131 -18.20 6.91 -12.96
N VAL D 132 -18.39 8.22 -12.75
CA VAL D 132 -19.75 8.75 -12.82
C VAL D 132 -20.27 8.76 -14.24
N THR D 133 -19.40 8.73 -15.24
CA THR D 133 -19.80 8.77 -16.63
C THR D 133 -19.96 7.39 -17.24
N SER D 134 -20.00 6.34 -16.42
CA SER D 134 -19.97 4.98 -16.94
C SER D 134 -21.33 4.58 -17.51
N THR D 135 -21.32 3.54 -18.33
CA THR D 135 -22.52 3.12 -19.03
C THR D 135 -23.62 2.72 -18.05
N THR D 136 -23.28 1.85 -17.10
CA THR D 136 -24.19 1.47 -16.03
C THR D 136 -23.52 1.77 -14.70
N TYR D 137 -24.31 2.29 -13.77
CA TYR D 137 -23.78 2.85 -12.54
C TYR D 137 -24.85 2.70 -11.47
N ALA D 138 -24.46 2.16 -10.32
CA ALA D 138 -25.43 1.84 -9.28
C ALA D 138 -26.12 3.08 -8.72
N TYR D 139 -25.49 4.24 -8.78
CA TYR D 139 -25.91 5.41 -8.01
C TYR D 139 -26.12 6.61 -8.91
N ARG D 140 -26.88 6.41 -10.00
CA ARG D 140 -27.17 7.46 -10.95
C ARG D 140 -28.66 7.47 -11.27
N GLY D 141 -29.21 8.66 -11.44
CA GLY D 141 -30.63 8.83 -11.61
C GLY D 141 -31.13 8.39 -12.97
N GLN D 142 -32.38 8.80 -13.25
CA GLN D 142 -33.05 8.45 -14.50
C GLN D 142 -32.75 9.42 -15.63
N GLY D 143 -32.84 10.72 -15.40
CA GLY D 143 -32.53 11.72 -16.39
C GLY D 143 -33.72 12.64 -16.66
N THR D 144 -33.40 13.88 -17.07
CA THR D 144 -34.42 14.86 -17.41
C THR D 144 -34.14 15.45 -18.79
N GLN D 145 -35.20 15.64 -19.57
CA GLN D 145 -35.08 16.03 -20.98
C GLN D 145 -35.06 17.55 -21.12
N VAL D 146 -34.12 18.07 -21.90
CA VAL D 146 -34.01 19.51 -22.17
C VAL D 146 -33.71 19.67 -23.66
N THR D 147 -34.67 20.19 -24.41
CA THR D 147 -34.53 20.43 -25.84
C THR D 147 -34.66 21.93 -26.12
N VAL D 148 -33.64 22.48 -26.76
CA VAL D 148 -33.59 23.91 -27.09
C VAL D 148 -33.54 24.05 -28.60
N SER D 149 -34.59 24.62 -29.18
CA SER D 149 -34.65 24.82 -30.63
C SER D 149 -35.72 25.85 -30.98
N GLU E 8 -46.25 -2.23 -21.78
CA GLU E 8 -45.39 -1.11 -22.14
C GLU E 8 -44.40 -0.81 -21.03
N LEU E 9 -43.43 0.07 -21.34
CA LEU E 9 -42.40 0.40 -20.36
C LEU E 9 -42.99 1.13 -19.16
N ASP E 10 -43.94 2.04 -19.40
CA ASP E 10 -44.55 2.78 -18.29
C ASP E 10 -45.33 1.85 -17.37
N GLN E 11 -46.08 0.91 -17.95
CA GLN E 11 -46.83 -0.04 -17.13
C GLN E 11 -45.89 -0.92 -16.31
N LEU E 12 -44.79 -1.37 -16.92
CA LEU E 12 -43.82 -2.18 -16.20
C LEU E 12 -43.19 -1.39 -15.06
N ARG E 13 -42.85 -0.12 -15.30
CA ARG E 13 -42.28 0.70 -14.24
C ARG E 13 -43.27 0.93 -13.11
N GLN E 14 -44.55 1.17 -13.44
CA GLN E 14 -45.56 1.34 -12.40
C GLN E 14 -45.74 0.07 -11.59
N GLU E 15 -45.75 -1.09 -12.26
CA GLU E 15 -45.86 -2.36 -11.55
C GLU E 15 -44.65 -2.58 -10.64
N ALA E 16 -43.46 -2.25 -11.12
CA ALA E 16 -42.27 -2.40 -10.30
C ALA E 16 -42.34 -1.50 -9.06
N GLU E 17 -42.78 -0.26 -9.23
CA GLU E 17 -42.91 0.64 -8.08
C GLU E 17 -43.95 0.12 -7.08
N GLN E 18 -45.08 -0.37 -7.59
CA GLN E 18 -46.11 -0.90 -6.70
C GLN E 18 -45.61 -2.12 -5.94
N LEU E 19 -44.88 -3.01 -6.62
CA LEU E 19 -44.34 -4.18 -5.95
C LEU E 19 -43.28 -3.81 -4.92
N LYS E 20 -42.48 -2.77 -5.22
CA LYS E 20 -41.52 -2.29 -4.23
C LYS E 20 -42.23 -1.74 -3.00
N ASN E 21 -43.32 -0.98 -3.20
CA ASN E 21 -44.10 -0.51 -2.08
C ASN E 21 -44.66 -1.67 -1.25
N GLN E 22 -45.18 -2.69 -1.94
CA GLN E 22 -45.73 -3.84 -1.24
C GLN E 22 -44.66 -4.56 -0.42
N ILE E 23 -43.47 -4.75 -1.00
CA ILE E 23 -42.41 -5.45 -0.30
C ILE E 23 -41.94 -4.62 0.90
N ARG E 24 -41.86 -3.31 0.74
CA ARG E 24 -41.47 -2.46 1.87
C ARG E 24 -42.49 -2.54 2.99
N ASP E 25 -43.78 -2.53 2.65
CA ASP E 25 -44.81 -2.64 3.68
C ASP E 25 -44.74 -4.00 4.38
N ALA E 26 -44.50 -5.07 3.61
CA ALA E 26 -44.39 -6.40 4.20
C ALA E 26 -43.20 -6.48 5.15
N ARG E 27 -42.06 -5.90 4.75
CA ARG E 27 -40.87 -5.96 5.59
C ARG E 27 -41.03 -5.10 6.84
N LYS E 28 -41.74 -3.98 6.74
CA LYS E 28 -42.00 -3.17 7.93
C LYS E 28 -43.08 -3.78 8.81
N ALA E 29 -43.89 -4.70 8.27
CA ALA E 29 -44.93 -5.34 9.08
C ALA E 29 -44.33 -6.19 10.20
N CYS E 30 -43.25 -6.91 9.92
CA CYS E 30 -42.68 -7.86 10.87
C CYS E 30 -41.50 -7.28 11.66
N ALA E 31 -41.26 -5.98 11.57
CA ALA E 31 -40.18 -5.34 12.32
C ALA E 31 -40.69 -4.90 13.70
N ASP E 32 -40.92 -5.90 14.55
CA ASP E 32 -41.47 -5.68 15.88
C ASP E 32 -40.39 -5.51 16.95
N ALA E 33 -39.12 -5.69 16.61
CA ALA E 33 -38.05 -5.60 17.60
C ALA E 33 -36.73 -5.46 16.87
N THR E 34 -35.67 -5.22 17.64
CA THR E 34 -34.31 -5.14 17.14
C THR E 34 -33.41 -6.04 17.97
N LEU E 35 -32.37 -6.58 17.32
CA LEU E 35 -31.47 -7.50 17.99
C LEU E 35 -30.79 -6.84 19.20
N SER E 36 -30.36 -5.59 19.04
CA SER E 36 -29.66 -4.91 20.13
C SER E 36 -30.56 -4.65 21.33
N GLN E 37 -31.88 -4.78 21.18
CA GLN E 37 -32.80 -4.58 22.29
C GLN E 37 -33.06 -5.85 23.08
N ILE E 38 -33.07 -7.01 22.41
CA ILE E 38 -33.42 -8.25 23.09
C ILE E 38 -32.22 -8.80 23.85
N THR E 39 -31.02 -8.72 23.27
CA THR E 39 -29.80 -9.22 23.90
C THR E 39 -29.10 -8.17 24.76
N ASN E 40 -29.84 -7.17 25.25
CA ASN E 40 -29.21 -6.10 26.02
C ASN E 40 -28.71 -6.58 27.37
N ASN E 41 -29.26 -7.68 27.89
CA ASN E 41 -28.94 -8.16 29.23
C ASN E 41 -28.09 -9.42 29.20
N ILE E 42 -27.42 -9.70 28.10
CA ILE E 42 -26.46 -10.80 28.02
C ILE E 42 -25.13 -10.28 28.55
N ASP E 43 -24.52 -11.04 29.46
CA ASP E 43 -23.28 -10.60 30.09
C ASP E 43 -22.20 -10.43 29.04
N PRO E 44 -21.59 -9.26 28.93
CA PRO E 44 -20.53 -9.06 27.95
C PRO E 44 -19.31 -9.91 28.27
N VAL E 45 -18.61 -10.31 27.21
CA VAL E 45 -17.39 -11.10 27.38
C VAL E 45 -16.31 -10.34 28.13
N GLY E 46 -16.50 -9.05 28.38
CA GLY E 46 -15.52 -8.27 29.10
C GLY E 46 -14.32 -7.94 28.24
N ARG E 47 -13.20 -7.69 28.91
CA ARG E 47 -11.94 -7.39 28.21
C ARG E 47 -11.34 -8.69 27.70
N ILE E 48 -11.05 -8.73 26.40
CA ILE E 48 -10.43 -9.88 25.76
C ILE E 48 -9.19 -9.39 25.05
N GLN E 49 -8.06 -9.99 25.36
CA GLN E 49 -6.79 -9.67 24.70
C GLN E 49 -6.09 -10.96 24.35
N MET E 50 -5.32 -10.92 23.28
CA MET E 50 -4.63 -12.09 22.77
C MET E 50 -3.27 -11.68 22.26
N ARG E 51 -2.22 -12.28 22.81
CA ARG E 51 -0.87 -12.00 22.40
C ARG E 51 -0.46 -12.95 21.30
N THR E 52 0.19 -12.43 20.27
CA THR E 52 0.66 -13.26 19.18
C THR E 52 1.46 -14.43 19.71
N ARG E 53 0.95 -15.65 19.54
CA ARG E 53 1.63 -16.80 20.10
C ARG E 53 2.73 -17.29 19.18
N ARG E 54 2.42 -17.41 17.89
CA ARG E 54 3.41 -17.57 16.85
C ARG E 54 3.30 -16.39 15.89
N THR E 55 4.42 -16.08 15.24
CA THR E 55 4.46 -15.03 14.23
C THR E 55 5.07 -15.60 12.97
N LEU E 56 4.28 -15.65 11.89
CA LEU E 56 4.66 -16.32 10.66
C LEU E 56 5.19 -15.30 9.67
N ARG E 57 6.38 -15.57 9.14
CA ARG E 57 7.06 -14.67 8.22
C ARG E 57 7.47 -15.46 6.98
N GLY E 58 7.89 -14.73 5.95
CA GLY E 58 8.34 -15.38 4.75
C GLY E 58 7.86 -14.77 3.45
N HIS E 59 6.76 -14.03 3.49
CA HIS E 59 6.23 -13.44 2.28
C HIS E 59 7.05 -12.21 1.87
N LEU E 60 6.68 -11.61 0.74
CA LEU E 60 7.37 -10.44 0.22
C LEU E 60 6.49 -9.23 -0.01
N ALA E 61 5.18 -9.38 -0.08
CA ALA E 61 4.32 -8.28 -0.48
C ALA E 61 2.97 -8.45 0.19
N LYS E 62 1.96 -7.76 -0.36
CA LYS E 62 0.60 -7.83 0.15
C LYS E 62 0.13 -9.28 0.28
N ILE E 63 -0.75 -9.52 1.25
CA ILE E 63 -1.39 -10.80 1.47
C ILE E 63 -2.87 -10.65 1.18
N TYR E 64 -3.41 -11.51 0.31
CA TYR E 64 -4.78 -11.31 -0.13
C TYR E 64 -5.78 -12.33 0.37
N ALA E 65 -5.38 -13.55 0.69
CA ALA E 65 -6.36 -14.55 1.12
C ALA E 65 -5.70 -15.57 2.05
N MET E 66 -6.53 -16.22 2.84
CA MET E 66 -6.10 -17.16 3.86
C MET E 66 -7.29 -18.00 4.30
N HIS E 67 -7.13 -19.32 4.26
CA HIS E 67 -8.22 -20.26 4.55
C HIS E 67 -7.73 -21.31 5.53
N TRP E 68 -8.51 -21.56 6.58
CA TRP E 68 -8.16 -22.59 7.56
C TRP E 68 -8.50 -23.97 7.03
N GLY E 69 -7.62 -24.93 7.29
CA GLY E 69 -7.84 -26.28 6.83
C GLY E 69 -8.94 -26.99 7.58
N THR E 70 -9.25 -28.19 7.12
CA THR E 70 -10.27 -29.00 7.79
C THR E 70 -9.78 -29.44 9.16
N ASP E 71 -8.55 -29.93 9.23
CA ASP E 71 -7.83 -30.01 10.49
C ASP E 71 -7.63 -28.62 11.05
N SER E 72 -7.64 -28.49 12.37
CA SER E 72 -7.37 -27.18 12.96
C SER E 72 -5.90 -26.91 13.12
N ARG E 73 -5.13 -27.60 12.28
CA ARG E 73 -3.68 -27.64 12.32
C ARG E 73 -3.03 -27.01 11.10
N LEU E 74 -3.58 -27.21 9.92
CA LEU E 74 -2.94 -26.73 8.70
C LEU E 74 -3.48 -25.36 8.32
N LEU E 75 -2.76 -24.69 7.40
CA LEU E 75 -3.11 -23.33 7.03
C LEU E 75 -2.62 -23.06 5.61
N VAL E 76 -3.22 -22.05 4.97
CA VAL E 76 -2.80 -21.61 3.65
C VAL E 76 -2.61 -20.09 3.69
N SER E 77 -1.66 -19.61 2.88
CA SER E 77 -1.42 -18.19 2.71
C SER E 77 -1.17 -17.92 1.24
N ALA E 78 -1.61 -16.74 0.80
CA ALA E 78 -1.65 -16.42 -0.63
C ALA E 78 -1.29 -14.96 -0.84
N SER E 79 -0.27 -14.70 -1.66
CA SER E 79 0.27 -13.35 -1.77
C SER E 79 0.44 -12.92 -3.21
N GLN E 80 0.61 -11.60 -3.39
CA GLN E 80 0.73 -10.97 -4.69
C GLN E 80 2.17 -10.88 -5.17
N ASP E 81 3.05 -11.73 -4.65
CA ASP E 81 4.38 -11.90 -5.22
C ASP E 81 4.49 -13.15 -6.07
N GLY E 82 3.44 -13.97 -6.12
CA GLY E 82 3.44 -15.19 -6.90
C GLY E 82 3.60 -16.44 -6.06
N LYS E 83 3.02 -16.45 -4.85
CA LYS E 83 3.25 -17.52 -3.90
C LYS E 83 1.95 -17.98 -3.25
N LEU E 84 1.80 -19.31 -3.18
CA LEU E 84 0.81 -19.97 -2.35
C LEU E 84 1.57 -20.90 -1.40
N ILE E 85 1.52 -20.62 -0.10
CA ILE E 85 2.30 -21.35 0.89
C ILE E 85 1.36 -22.14 1.79
N ILE E 86 1.61 -23.44 1.90
CA ILE E 86 0.87 -24.32 2.80
C ILE E 86 1.70 -24.46 4.06
N TRP E 87 1.13 -23.99 5.17
CA TRP E 87 1.77 -23.87 6.47
C TRP E 87 1.25 -24.93 7.44
N ASP E 88 2.13 -25.28 8.37
CA ASP E 88 1.75 -25.90 9.64
C ASP E 88 1.93 -24.85 10.73
N SER E 89 0.97 -24.78 11.65
CA SER E 89 1.00 -23.72 12.65
C SER E 89 1.64 -24.16 13.97
N TYR E 90 1.77 -25.47 14.20
CA TYR E 90 2.33 -25.93 15.47
C TYR E 90 3.82 -25.63 15.56
N THR E 91 4.61 -26.15 14.63
CA THR E 91 6.02 -25.86 14.58
C THR E 91 6.34 -24.64 13.72
N THR E 92 5.32 -23.94 13.23
CA THR E 92 5.48 -22.80 12.32
C THR E 92 6.45 -23.15 11.19
N ASN E 93 6.21 -24.31 10.58
CA ASN E 93 7.08 -24.81 9.53
C ASN E 93 6.35 -24.74 8.19
N LYS E 94 7.10 -24.45 7.14
CA LYS E 94 6.54 -24.41 5.80
C LYS E 94 6.48 -25.83 5.25
N VAL E 95 5.29 -26.25 4.85
CA VAL E 95 5.06 -27.60 4.35
C VAL E 95 5.07 -27.65 2.82
N HIS E 96 4.48 -26.65 2.16
CA HIS E 96 4.48 -26.67 0.70
C HIS E 96 4.55 -25.25 0.13
N ALA E 97 5.18 -25.15 -1.05
CA ALA E 97 5.21 -23.91 -1.81
C ALA E 97 4.74 -24.17 -3.23
N ILE E 98 3.83 -23.34 -3.71
CA ILE E 98 3.27 -23.46 -5.06
C ILE E 98 3.42 -22.11 -5.75
N PRO E 99 4.17 -22.03 -6.84
CA PRO E 99 4.29 -20.78 -7.59
C PRO E 99 3.10 -20.61 -8.53
N LEU E 100 2.35 -19.52 -8.36
CA LEU E 100 1.20 -19.26 -9.19
C LEU E 100 1.64 -18.80 -10.58
N ARG E 101 0.73 -18.98 -11.54
CA ARG E 101 0.98 -18.50 -12.90
C ARG E 101 0.71 -17.01 -13.01
N SER E 102 -0.49 -16.58 -12.62
CA SER E 102 -0.82 -15.18 -12.52
C SER E 102 -0.52 -14.68 -11.11
N SER E 103 -0.19 -13.40 -10.99
CA SER E 103 0.17 -12.81 -9.71
C SER E 103 -0.92 -11.92 -9.13
N TRP E 104 -1.75 -11.31 -9.97
CA TRP E 104 -2.86 -10.48 -9.50
C TRP E 104 -4.02 -11.41 -9.15
N VAL E 105 -3.98 -11.93 -7.93
CA VAL E 105 -4.83 -13.03 -7.51
C VAL E 105 -5.46 -12.69 -6.15
N MET E 106 -6.75 -13.02 -5.99
CA MET E 106 -7.51 -12.51 -4.85
C MET E 106 -8.29 -13.56 -4.06
N THR E 107 -8.06 -14.85 -4.26
CA THR E 107 -8.84 -15.84 -3.51
C THR E 107 -8.11 -17.18 -3.47
N CYS E 108 -8.45 -17.97 -2.45
CA CYS E 108 -7.90 -19.31 -2.26
C CYS E 108 -8.81 -20.10 -1.32
N ALA E 109 -8.62 -21.42 -1.30
CA ALA E 109 -9.46 -22.30 -0.47
C ALA E 109 -8.87 -23.71 -0.41
N TYR E 110 -9.17 -24.40 0.70
CA TYR E 110 -9.05 -25.86 0.84
C TYR E 110 -10.31 -26.62 0.40
N ALA E 111 -10.07 -27.87 0.02
CA ALA E 111 -11.07 -28.89 -0.17
C ALA E 111 -11.66 -29.34 1.16
N PRO E 112 -12.93 -29.74 1.19
CA PRO E 112 -13.56 -30.14 2.45
C PRO E 112 -12.97 -31.41 3.05
N SER E 113 -12.24 -32.20 2.27
CA SER E 113 -11.55 -33.37 2.79
C SER E 113 -10.05 -33.26 2.66
N GLY E 114 -9.53 -32.03 2.58
CA GLY E 114 -8.10 -31.80 2.56
C GLY E 114 -7.35 -32.53 1.48
N ASN E 115 -7.80 -32.39 0.23
CA ASN E 115 -7.15 -33.05 -0.89
C ASN E 115 -6.80 -32.12 -2.04
N TYR E 116 -7.55 -31.02 -2.24
CA TYR E 116 -7.29 -30.08 -3.32
C TYR E 116 -7.22 -28.66 -2.75
N VAL E 117 -6.68 -27.76 -3.57
CA VAL E 117 -6.77 -26.32 -3.35
C VAL E 117 -7.14 -25.64 -4.67
N ALA E 118 -7.62 -24.41 -4.55
CA ALA E 118 -8.03 -23.63 -5.71
C ALA E 118 -7.59 -22.18 -5.53
N CYS E 119 -7.35 -21.50 -6.65
CA CYS E 119 -6.96 -20.10 -6.64
C CYS E 119 -7.56 -19.38 -7.84
N GLY E 120 -7.68 -18.06 -7.73
CA GLY E 120 -8.30 -17.26 -8.78
C GLY E 120 -7.89 -15.80 -8.70
N GLY E 121 -7.65 -15.21 -9.87
CA GLY E 121 -7.19 -13.83 -9.93
C GLY E 121 -7.90 -12.92 -10.91
N LEU E 122 -7.23 -11.84 -11.35
CA LEU E 122 -7.82 -10.92 -12.29
C LEU E 122 -8.14 -11.60 -13.61
N ASP E 123 -7.24 -12.44 -14.10
CA ASP E 123 -7.57 -13.32 -15.21
C ASP E 123 -8.78 -14.17 -14.83
N ASN E 124 -9.76 -14.21 -15.72
CA ASN E 124 -11.02 -14.90 -15.43
C ASN E 124 -10.84 -16.42 -15.49
N ILE E 125 -10.15 -16.94 -14.48
CA ILE E 125 -9.74 -18.34 -14.44
C ILE E 125 -9.74 -18.80 -13.00
N CYS E 126 -10.16 -20.04 -12.76
CA CYS E 126 -10.01 -20.67 -11.45
C CYS E 126 -9.18 -21.93 -11.61
N SER E 127 -8.00 -21.94 -11.00
CA SER E 127 -7.04 -23.04 -11.17
C SER E 127 -7.07 -23.95 -9.94
N ILE E 128 -7.13 -25.25 -10.18
CA ILE E 128 -7.34 -26.24 -9.12
C ILE E 128 -6.18 -27.25 -9.14
N TYR E 129 -5.56 -27.42 -7.97
CA TYR E 129 -4.44 -28.30 -7.72
C TYR E 129 -4.84 -29.41 -6.75
N ASN E 130 -4.16 -30.55 -6.83
CA ASN E 130 -4.40 -31.68 -5.94
C ASN E 130 -3.16 -31.94 -5.09
N LEU E 131 -3.37 -32.38 -3.86
CA LEU E 131 -2.32 -32.38 -2.84
C LEU E 131 -1.50 -33.67 -2.79
N LYS E 132 -2.14 -34.83 -2.88
CA LYS E 132 -1.40 -36.09 -2.88
C LYS E 132 -0.86 -36.36 -4.27
N THR E 133 0.41 -36.03 -4.47
CA THR E 133 1.11 -36.25 -5.73
C THR E 133 2.50 -36.79 -5.43
N ARG E 134 2.99 -37.65 -6.32
CA ARG E 134 4.30 -38.26 -6.10
C ARG E 134 5.41 -37.22 -6.09
N GLU E 135 5.31 -36.21 -6.95
CA GLU E 135 6.30 -35.15 -6.97
C GLU E 135 6.12 -34.23 -5.77
N GLY E 136 7.21 -33.62 -5.33
CA GLY E 136 7.12 -32.61 -4.29
C GLY E 136 6.27 -31.43 -4.66
N ASN E 137 6.03 -31.23 -5.96
CA ASN E 137 5.10 -30.22 -6.42
C ASN E 137 3.66 -30.62 -6.11
N VAL E 138 2.84 -29.61 -5.85
CA VAL E 138 1.39 -29.76 -5.85
C VAL E 138 0.94 -29.43 -7.27
N ARG E 139 0.80 -30.46 -8.11
CA ARG E 139 0.60 -30.24 -9.52
C ARG E 139 -0.73 -29.58 -9.79
N VAL E 140 -0.87 -29.01 -10.98
CA VAL E 140 -2.11 -28.38 -11.41
C VAL E 140 -2.89 -29.35 -12.28
N SER E 141 -4.18 -29.48 -12.01
CA SER E 141 -5.00 -30.44 -12.73
C SER E 141 -6.18 -29.82 -13.45
N ARG E 142 -6.77 -28.72 -12.96
CA ARG E 142 -7.93 -28.16 -13.62
C ARG E 142 -7.84 -26.65 -13.78
N GLU E 143 -8.49 -26.16 -14.85
CA GLU E 143 -8.69 -24.73 -15.07
C GLU E 143 -10.15 -24.54 -15.48
N LEU E 144 -10.93 -23.92 -14.63
CA LEU E 144 -12.30 -23.58 -14.96
C LEU E 144 -12.35 -22.17 -15.53
N ALA E 145 -12.95 -22.04 -16.71
CA ALA E 145 -12.99 -20.79 -17.47
C ALA E 145 -14.38 -20.56 -18.03
N GLY E 146 -14.70 -19.30 -18.31
CA GLY E 146 -16.03 -18.96 -18.77
C GLY E 146 -16.60 -17.65 -18.23
N HIS E 147 -15.83 -16.92 -17.43
CA HIS E 147 -16.25 -15.62 -16.96
C HIS E 147 -15.73 -14.52 -17.90
N THR E 148 -16.28 -13.32 -17.76
CA THR E 148 -15.82 -12.12 -18.46
C THR E 148 -15.64 -11.03 -17.41
N GLY E 149 -14.48 -11.01 -16.77
CA GLY E 149 -14.23 -10.13 -15.66
C GLY E 149 -13.17 -10.74 -14.76
N TYR E 150 -13.33 -10.51 -13.46
CA TYR E 150 -12.40 -11.02 -12.47
C TYR E 150 -13.14 -11.78 -11.38
N LEU E 151 -12.46 -12.78 -10.82
CA LEU E 151 -13.02 -13.62 -9.76
C LEU E 151 -12.72 -13.00 -8.41
N SER E 152 -13.66 -13.14 -7.47
CA SER E 152 -13.43 -12.63 -6.13
C SER E 152 -13.33 -13.70 -5.05
N CYS E 153 -14.04 -14.83 -5.17
CA CYS E 153 -13.91 -15.90 -4.20
C CYS E 153 -14.35 -17.22 -4.80
N CYS E 154 -13.94 -18.32 -4.16
CA CYS E 154 -14.26 -19.66 -4.60
C CYS E 154 -14.24 -20.62 -3.42
N ARG E 155 -15.25 -21.48 -3.33
CA ARG E 155 -15.39 -22.43 -2.23
C ARG E 155 -15.84 -23.77 -2.79
N PHE E 156 -15.57 -24.84 -2.04
CA PHE E 156 -15.89 -26.18 -2.49
C PHE E 156 -17.08 -26.72 -1.68
N LEU E 157 -18.16 -27.09 -2.38
CA LEU E 157 -19.25 -27.82 -1.73
C LEU E 157 -18.77 -29.18 -1.28
N ASP E 158 -18.15 -29.92 -2.18
CA ASP E 158 -17.48 -31.17 -1.89
C ASP E 158 -16.32 -31.28 -2.86
N ASP E 159 -15.78 -32.48 -3.03
CA ASP E 159 -14.65 -32.66 -3.93
C ASP E 159 -15.04 -32.68 -5.40
N ASN E 160 -16.33 -32.55 -5.73
CA ASN E 160 -16.72 -32.59 -7.14
C ASN E 160 -17.81 -31.57 -7.53
N GLN E 161 -18.10 -30.58 -6.70
CA GLN E 161 -19.02 -29.49 -7.06
C GLN E 161 -18.56 -28.21 -6.39
N ILE E 162 -18.14 -27.21 -7.18
CA ILE E 162 -17.57 -25.99 -6.62
C ILE E 162 -18.35 -24.78 -7.09
N VAL E 163 -18.11 -23.65 -6.43
CA VAL E 163 -18.91 -22.43 -6.59
C VAL E 163 -17.97 -21.27 -6.84
N THR E 164 -18.36 -20.35 -7.75
CA THR E 164 -17.50 -19.22 -8.08
C THR E 164 -18.33 -17.94 -8.26
N SER E 165 -17.73 -16.81 -7.89
CA SER E 165 -18.33 -15.49 -8.07
C SER E 165 -17.33 -14.54 -8.70
N SER E 166 -17.83 -13.73 -9.64
CA SER E 166 -17.00 -12.84 -10.43
C SER E 166 -17.55 -11.43 -10.40
N GLY E 167 -16.85 -10.53 -11.07
CA GLY E 167 -17.17 -9.12 -11.12
C GLY E 167 -18.01 -8.67 -12.29
N ASP E 168 -18.67 -9.59 -12.99
CA ASP E 168 -19.55 -9.26 -14.10
C ASP E 168 -20.99 -9.69 -13.82
N THR E 169 -21.47 -9.44 -12.60
CA THR E 169 -22.85 -9.56 -12.16
C THR E 169 -23.26 -11.03 -11.88
N THR E 170 -22.44 -12.02 -12.20
CA THR E 170 -22.86 -13.41 -12.20
C THR E 170 -22.24 -14.20 -11.04
N CYS E 171 -22.85 -15.34 -10.75
CA CYS E 171 -22.27 -16.42 -9.97
C CYS E 171 -22.47 -17.72 -10.74
N ALA E 172 -21.73 -18.77 -10.37
CA ALA E 172 -21.81 -19.99 -11.16
C ALA E 172 -21.50 -21.22 -10.33
N LEU E 173 -22.20 -22.31 -10.64
CA LEU E 173 -21.93 -23.63 -10.05
C LEU E 173 -21.28 -24.53 -11.08
N TRP E 174 -20.25 -25.27 -10.67
CA TRP E 174 -19.43 -26.02 -11.61
C TRP E 174 -19.19 -27.43 -11.12
N ASP E 175 -19.04 -28.35 -12.08
CA ASP E 175 -18.69 -29.75 -11.85
C ASP E 175 -17.33 -30.01 -12.48
N ILE E 176 -16.37 -30.42 -11.66
CA ILE E 176 -14.96 -30.35 -12.05
C ILE E 176 -14.65 -31.29 -13.19
N GLU E 177 -15.13 -32.54 -13.11
CA GLU E 177 -14.63 -33.59 -14.00
C GLU E 177 -14.86 -33.26 -15.47
N THR E 178 -16.03 -32.73 -15.80
CA THR E 178 -16.30 -32.29 -17.17
C THR E 178 -15.80 -30.87 -17.41
N GLY E 179 -16.16 -29.94 -16.54
CA GLY E 179 -15.68 -28.57 -16.65
C GLY E 179 -16.62 -27.62 -17.37
N GLN E 180 -17.90 -27.64 -17.01
CA GLN E 180 -18.90 -26.77 -17.60
C GLN E 180 -19.93 -26.41 -16.54
N GLN E 181 -20.41 -25.18 -16.60
CA GLN E 181 -21.37 -24.70 -15.61
C GLN E 181 -22.61 -25.58 -15.61
N THR E 182 -23.12 -25.84 -14.42
CA THR E 182 -24.41 -26.50 -14.24
C THR E 182 -25.54 -25.49 -14.10
N THR E 183 -25.30 -24.38 -13.42
CA THR E 183 -26.29 -23.33 -13.32
C THR E 183 -25.58 -21.99 -13.13
N THR E 184 -26.18 -20.95 -13.72
CA THR E 184 -25.65 -19.60 -13.72
C THR E 184 -26.62 -18.70 -12.98
N PHE E 185 -26.11 -17.91 -12.05
CA PHE E 185 -26.90 -17.10 -11.13
C PHE E 185 -26.77 -15.65 -11.57
N THR E 186 -27.88 -15.09 -12.08
CA THR E 186 -27.92 -13.71 -12.55
C THR E 186 -29.08 -12.99 -11.89
N GLY E 187 -28.94 -11.66 -11.82
CA GLY E 187 -29.92 -10.85 -11.12
C GLY E 187 -29.29 -9.65 -10.43
N HIS E 188 -27.97 -9.61 -10.38
CA HIS E 188 -27.26 -8.48 -9.79
C HIS E 188 -27.24 -7.32 -10.77
N THR E 189 -26.54 -6.25 -10.38
CA THR E 189 -26.24 -5.14 -11.29
C THR E 189 -24.77 -4.79 -11.34
N GLY E 190 -24.06 -4.87 -10.21
CA GLY E 190 -22.66 -4.55 -10.14
C GLY E 190 -21.78 -5.78 -10.02
N ASP E 191 -20.52 -5.53 -9.67
CA ASP E 191 -19.55 -6.61 -9.46
C ASP E 191 -19.62 -7.16 -8.04
N VAL E 192 -19.41 -8.49 -7.93
CA VAL E 192 -19.61 -9.26 -6.71
C VAL E 192 -18.27 -9.41 -5.98
N MET E 193 -18.33 -9.59 -4.66
CA MET E 193 -17.09 -9.66 -3.87
C MET E 193 -16.89 -10.94 -3.06
N SER E 194 -17.92 -11.50 -2.43
CA SER E 194 -17.66 -12.63 -1.55
C SER E 194 -18.91 -13.48 -1.33
N LEU E 195 -18.72 -14.80 -1.33
CA LEU E 195 -19.78 -15.77 -1.04
C LEU E 195 -19.26 -16.81 -0.06
N SER E 196 -20.18 -17.39 0.69
CA SER E 196 -19.87 -18.47 1.63
C SER E 196 -20.92 -19.56 1.47
N LEU E 197 -20.53 -20.79 1.81
CA LEU E 197 -21.37 -21.95 1.60
C LEU E 197 -22.14 -22.30 2.87
N ALA E 198 -23.36 -22.79 2.68
CA ALA E 198 -24.20 -23.14 3.80
C ALA E 198 -23.58 -24.27 4.61
N PRO E 199 -23.76 -24.27 5.93
CA PRO E 199 -23.26 -25.40 6.74
C PRO E 199 -23.83 -26.74 6.32
N ASP E 200 -25.09 -26.78 5.90
CA ASP E 200 -25.73 -28.01 5.43
C ASP E 200 -25.50 -28.28 3.95
N THR E 201 -24.81 -27.38 3.25
CA THR E 201 -24.37 -27.60 1.87
C THR E 201 -25.56 -27.75 0.92
N ARG E 202 -26.46 -26.77 0.96
CA ARG E 202 -27.60 -26.78 0.04
C ARG E 202 -27.84 -25.42 -0.60
N LEU E 203 -27.33 -24.35 0.02
CA LEU E 203 -27.57 -22.99 -0.44
C LEU E 203 -26.28 -22.19 -0.48
N PHE E 204 -26.36 -20.89 -0.78
CA PHE E 204 -25.28 -19.95 -0.46
C PHE E 204 -25.80 -18.54 -0.66
N VAL E 205 -24.95 -17.55 -0.36
CA VAL E 205 -25.32 -16.14 -0.40
C VAL E 205 -24.21 -15.34 -1.06
N SER E 206 -24.56 -14.15 -1.54
CA SER E 206 -23.63 -13.33 -2.30
C SER E 206 -23.89 -11.85 -2.07
N GLY E 207 -22.82 -11.07 -2.13
CA GLY E 207 -22.93 -9.62 -2.05
C GLY E 207 -22.07 -8.94 -3.10
N ALA E 208 -22.61 -7.86 -3.67
CA ALA E 208 -21.96 -7.16 -4.76
C ALA E 208 -21.88 -5.67 -4.42
N CYS E 209 -21.23 -4.91 -5.31
CA CYS E 209 -21.06 -3.47 -5.12
C CYS E 209 -22.33 -2.72 -5.51
N ASP E 210 -23.37 -2.95 -4.70
CA ASP E 210 -24.60 -2.19 -4.73
C ASP E 210 -25.14 -2.18 -3.30
N ALA E 211 -26.41 -1.82 -3.16
CA ALA E 211 -27.12 -1.98 -1.89
C ALA E 211 -27.92 -3.28 -1.90
N SER E 212 -27.19 -4.40 -1.98
CA SER E 212 -27.84 -5.66 -2.30
C SER E 212 -27.03 -6.84 -1.78
N ALA E 213 -27.74 -7.84 -1.25
CA ALA E 213 -27.17 -9.15 -0.97
C ALA E 213 -28.26 -10.20 -1.20
N LYS E 214 -27.89 -11.31 -1.80
CA LYS E 214 -28.88 -12.28 -2.26
C LYS E 214 -28.63 -13.65 -1.68
N LEU E 215 -29.73 -14.36 -1.41
CA LEU E 215 -29.73 -15.75 -0.98
C LEU E 215 -30.15 -16.62 -2.14
N TRP E 216 -29.27 -17.54 -2.55
CA TRP E 216 -29.43 -18.39 -3.72
C TRP E 216 -29.54 -19.85 -3.31
N ASP E 217 -30.53 -20.54 -3.88
CA ASP E 217 -30.53 -21.99 -3.97
C ASP E 217 -29.43 -22.43 -4.93
N VAL E 218 -29.17 -23.73 -4.97
CA VAL E 218 -28.01 -24.24 -5.69
C VAL E 218 -28.41 -25.00 -6.93
N ARG E 219 -29.18 -26.08 -6.77
CA ARG E 219 -29.48 -26.98 -7.88
C ARG E 219 -30.65 -26.52 -8.73
N GLU E 220 -31.38 -25.50 -8.32
CA GLU E 220 -32.45 -24.94 -9.15
C GLU E 220 -32.00 -23.74 -9.96
N GLY E 221 -31.15 -22.88 -9.38
CA GLY E 221 -30.69 -21.68 -10.03
C GLY E 221 -31.50 -20.44 -9.73
N MET E 222 -32.77 -20.61 -9.37
CA MET E 222 -33.64 -19.49 -9.07
C MET E 222 -33.22 -18.84 -7.77
N CYS E 223 -33.24 -17.51 -7.74
CA CYS E 223 -32.78 -16.74 -6.60
C CYS E 223 -33.92 -16.53 -5.62
N ARG E 224 -33.69 -16.91 -4.36
CA ARG E 224 -34.77 -16.98 -3.38
C ARG E 224 -34.94 -15.72 -2.55
N GLN E 225 -33.88 -14.97 -2.22
CA GLN E 225 -34.07 -13.80 -1.39
C GLN E 225 -33.15 -12.66 -1.81
N THR E 226 -33.62 -11.43 -1.56
CA THR E 226 -32.88 -10.20 -1.85
C THR E 226 -32.97 -9.26 -0.66
N PHE E 227 -31.83 -8.65 -0.29
CA PHE E 227 -31.72 -7.79 0.87
C PHE E 227 -31.03 -6.49 0.49
N THR E 228 -31.39 -5.43 1.19
CA THR E 228 -30.87 -4.08 0.96
C THR E 228 -30.21 -3.57 2.23
N GLY E 229 -29.83 -2.30 2.21
CA GLY E 229 -29.43 -1.64 3.45
C GLY E 229 -28.19 -0.78 3.39
N HIS E 230 -27.21 -1.14 2.57
CA HIS E 230 -25.91 -0.49 2.65
C HIS E 230 -25.80 0.68 1.67
N GLU E 231 -24.99 1.66 2.07
CA GLU E 231 -24.84 2.92 1.33
C GLU E 231 -23.75 2.87 0.28
N SER E 232 -22.94 1.82 0.24
CA SER E 232 -21.84 1.71 -0.69
C SER E 232 -21.61 0.23 -0.98
N ASP E 233 -20.43 -0.10 -1.48
CA ASP E 233 -20.09 -1.46 -1.85
C ASP E 233 -20.13 -2.40 -0.63
N ILE E 234 -20.04 -3.69 -0.90
CA ILE E 234 -20.01 -4.74 0.11
C ILE E 234 -18.73 -5.55 -0.06
N ASN E 235 -18.05 -5.85 1.05
CA ASN E 235 -16.70 -6.38 1.00
C ASN E 235 -16.52 -7.74 1.67
N ALA E 236 -17.35 -8.11 2.64
CA ALA E 236 -17.18 -9.39 3.31
C ALA E 236 -18.54 -9.93 3.74
N ILE E 237 -18.61 -11.26 3.84
CA ILE E 237 -19.81 -11.97 4.27
C ILE E 237 -19.39 -13.39 4.65
N CYS E 238 -20.20 -14.06 5.47
CA CYS E 238 -19.92 -15.44 5.85
C CYS E 238 -21.21 -16.06 6.38
N PHE E 239 -21.10 -17.27 6.93
CA PHE E 239 -22.23 -17.98 7.50
C PHE E 239 -22.09 -18.11 9.01
N PHE E 240 -23.17 -17.78 9.72
CA PHE E 240 -23.34 -18.17 11.10
C PHE E 240 -23.48 -19.69 11.16
N PRO E 241 -22.99 -20.33 12.24
CA PRO E 241 -22.87 -21.80 12.22
C PRO E 241 -24.18 -22.54 11.94
N ASN E 242 -25.31 -22.09 12.48
CA ASN E 242 -26.53 -22.83 12.24
C ASN E 242 -27.11 -22.63 10.85
N GLY E 243 -26.41 -21.90 9.98
CA GLY E 243 -26.89 -21.65 8.64
C GLY E 243 -28.21 -20.90 8.57
N ASN E 244 -28.47 -19.99 9.50
CA ASN E 244 -29.71 -19.24 9.51
C ASN E 244 -29.43 -17.79 9.90
N ALA E 245 -28.34 -17.22 9.39
CA ALA E 245 -27.98 -15.82 9.62
C ALA E 245 -26.76 -15.48 8.77
N PHE E 246 -26.46 -14.18 8.70
CA PHE E 246 -25.15 -13.75 8.19
C PHE E 246 -24.87 -12.33 8.66
N ALA E 247 -23.61 -11.94 8.55
CA ALA E 247 -23.19 -10.57 8.82
C ALA E 247 -22.36 -10.07 7.65
N THR E 248 -22.59 -8.81 7.28
CA THR E 248 -21.95 -8.19 6.13
C THR E 248 -21.23 -6.92 6.55
N GLY E 249 -20.15 -6.61 5.84
CA GLY E 249 -19.40 -5.37 6.06
C GLY E 249 -19.27 -4.60 4.76
N SER E 250 -19.20 -3.27 4.88
CA SER E 250 -19.21 -2.42 3.70
C SER E 250 -18.01 -1.48 3.69
N ASP E 251 -17.80 -0.85 2.54
CA ASP E 251 -16.71 0.12 2.37
C ASP E 251 -17.19 1.53 2.71
N ASP E 252 -17.83 1.65 3.86
CA ASP E 252 -18.09 2.94 4.49
C ASP E 252 -18.01 2.83 6.00
N ALA E 253 -17.23 1.85 6.49
CA ALA E 253 -17.05 1.61 7.93
C ALA E 253 -18.38 1.28 8.61
N THR E 254 -18.99 0.17 8.20
CA THR E 254 -20.22 -0.30 8.85
C THR E 254 -20.39 -1.79 8.64
N CYS E 255 -20.73 -2.49 9.73
CA CYS E 255 -21.15 -3.88 9.65
C CYS E 255 -22.63 -3.99 10.02
N ARG E 256 -23.25 -5.08 9.58
CA ARG E 256 -24.65 -5.33 9.85
C ARG E 256 -24.88 -6.83 9.95
N LEU E 257 -25.97 -7.21 10.62
CA LEU E 257 -26.31 -8.60 10.84
C LEU E 257 -27.77 -8.83 10.48
N PHE E 258 -28.00 -9.84 9.62
CA PHE E 258 -29.29 -10.24 9.08
C PHE E 258 -29.62 -11.69 9.45
N ASP E 259 -30.91 -12.00 9.48
CA ASP E 259 -31.42 -13.36 9.60
C ASP E 259 -32.41 -13.61 8.47
N LEU E 260 -32.25 -14.75 7.79
CA LEU E 260 -32.90 -14.97 6.50
C LEU E 260 -34.42 -14.91 6.61
N ARG E 261 -35.00 -15.68 7.53
CA ARG E 261 -36.45 -15.77 7.60
C ARG E 261 -37.11 -14.44 7.93
N ALA E 262 -36.40 -13.56 8.65
CA ALA E 262 -36.91 -12.23 8.93
C ALA E 262 -36.86 -11.31 7.72
N ASP E 263 -35.93 -11.57 6.79
CA ASP E 263 -35.82 -10.85 5.52
C ASP E 263 -35.54 -9.36 5.73
N GLN E 264 -34.81 -9.02 6.80
CA GLN E 264 -34.37 -7.64 7.00
C GLN E 264 -33.21 -7.62 7.97
N GLU E 265 -32.45 -6.52 7.95
CA GLU E 265 -31.31 -6.39 8.83
C GLU E 265 -31.75 -6.33 10.28
N LEU E 266 -31.00 -7.04 11.14
CA LEU E 266 -31.33 -7.08 12.55
C LEU E 266 -30.53 -6.08 13.37
N MET E 267 -29.20 -6.10 13.27
CA MET E 267 -28.40 -5.24 14.14
C MET E 267 -27.24 -4.61 13.37
N THR E 268 -26.74 -3.48 13.87
CA THR E 268 -25.76 -2.69 13.15
C THR E 268 -24.55 -2.37 14.01
N TYR E 269 -23.36 -2.60 13.46
CA TYR E 269 -22.08 -2.41 14.14
C TYR E 269 -21.48 -1.14 13.55
N SER E 270 -21.36 -0.10 14.38
CA SER E 270 -20.71 1.14 13.95
C SER E 270 -20.15 1.85 15.16
N HIS E 271 -19.23 2.76 14.90
CA HIS E 271 -18.69 3.65 15.93
C HIS E 271 -18.62 5.06 15.36
N ASP E 272 -18.65 6.04 16.26
CA ASP E 272 -18.76 7.43 15.85
C ASP E 272 -17.46 8.02 15.33
N ASN E 273 -16.34 7.33 15.50
CA ASN E 273 -15.04 7.84 15.10
C ASN E 273 -14.31 6.92 14.12
N ILE E 274 -15.03 6.02 13.47
CA ILE E 274 -14.46 5.14 12.46
C ILE E 274 -14.87 5.67 11.09
N ILE E 275 -13.89 6.08 10.30
CA ILE E 275 -14.13 6.60 8.96
C ILE E 275 -13.29 5.79 7.98
N CYS E 276 -12.71 4.70 8.46
CA CYS E 276 -11.96 3.78 7.64
C CYS E 276 -12.75 2.47 7.44
N GLY E 277 -12.75 2.00 6.19
CA GLY E 277 -13.63 0.92 5.80
C GLY E 277 -13.19 -0.47 6.27
N ILE E 278 -13.82 -1.48 5.69
CA ILE E 278 -13.71 -2.88 6.10
C ILE E 278 -13.16 -3.69 4.95
N THR E 279 -12.44 -4.76 5.26
CA THR E 279 -11.91 -5.62 4.22
C THR E 279 -12.42 -7.05 4.30
N SER E 280 -12.36 -7.69 5.47
CA SER E 280 -12.78 -9.08 5.59
C SER E 280 -13.37 -9.31 6.97
N VAL E 281 -14.17 -10.38 7.09
CA VAL E 281 -14.93 -10.68 8.29
C VAL E 281 -15.05 -12.18 8.46
N SER E 282 -15.02 -12.66 9.70
CA SER E 282 -15.30 -14.08 9.97
C SER E 282 -15.93 -14.22 11.35
N PHE E 283 -16.60 -15.35 11.56
CA PHE E 283 -17.28 -15.64 12.81
C PHE E 283 -16.45 -16.56 13.69
N SER E 284 -16.94 -16.73 14.92
CA SER E 284 -16.34 -17.67 15.86
C SER E 284 -17.04 -19.02 15.79
N LYS E 285 -16.38 -20.03 16.37
CA LYS E 285 -16.90 -21.38 16.31
C LYS E 285 -18.04 -21.62 17.30
N SER E 286 -18.32 -20.66 18.17
CA SER E 286 -19.45 -20.79 19.08
C SER E 286 -20.51 -19.71 18.85
N GLY E 287 -20.31 -18.82 17.88
CA GLY E 287 -21.25 -17.75 17.64
C GLY E 287 -21.18 -16.61 18.63
N ARG E 288 -19.99 -16.28 19.14
CA ARG E 288 -19.85 -15.19 20.11
C ARG E 288 -18.72 -14.23 19.79
N LEU E 289 -17.84 -14.54 18.84
CA LEU E 289 -16.84 -13.60 18.40
C LEU E 289 -16.99 -13.32 16.92
N LEU E 290 -17.12 -12.05 16.56
CA LEU E 290 -17.15 -11.57 15.18
C LEU E 290 -15.88 -10.77 14.94
N LEU E 291 -15.06 -11.20 14.01
CA LEU E 291 -13.71 -10.65 13.88
C LEU E 291 -13.56 -9.99 12.52
N ALA E 292 -13.18 -8.70 12.52
CA ALA E 292 -13.16 -7.86 11.35
C ALA E 292 -11.78 -7.21 11.18
N GLY E 293 -11.43 -6.94 9.93
CA GLY E 293 -10.17 -6.29 9.61
C GLY E 293 -10.43 -4.93 8.97
N TYR E 294 -9.94 -3.87 9.61
CA TYR E 294 -10.30 -2.53 9.17
C TYR E 294 -9.20 -1.90 8.34
N ASP E 295 -9.50 -0.71 7.85
CA ASP E 295 -8.80 -0.06 6.73
C ASP E 295 -7.45 0.54 7.10
N ASP E 296 -7.23 0.94 8.35
CA ASP E 296 -6.01 1.68 8.64
C ASP E 296 -4.83 0.82 9.09
N PHE E 297 -4.87 0.24 10.29
CA PHE E 297 -3.87 -0.76 10.65
C PHE E 297 -4.33 -1.77 11.69
N ASN E 298 -5.63 -2.05 11.79
CA ASN E 298 -6.11 -2.76 12.97
C ASN E 298 -7.05 -3.90 12.58
N CYS E 299 -7.19 -4.84 13.52
CA CYS E 299 -8.29 -5.78 13.54
C CYS E 299 -9.10 -5.51 14.78
N ASN E 300 -10.40 -5.75 14.70
CA ASN E 300 -11.29 -5.55 15.82
C ASN E 300 -12.09 -6.82 16.07
N VAL E 301 -12.20 -7.23 17.33
CA VAL E 301 -12.98 -8.39 17.70
C VAL E 301 -14.20 -7.88 18.47
N TRP E 302 -15.37 -8.29 18.01
CA TRP E 302 -16.66 -7.79 18.43
C TRP E 302 -17.45 -8.91 19.08
N ASP E 303 -18.27 -8.56 20.06
CA ASP E 303 -19.25 -9.48 20.62
C ASP E 303 -20.52 -9.41 19.78
N ALA E 304 -20.82 -10.50 19.08
CA ALA E 304 -21.76 -10.41 17.98
C ALA E 304 -23.19 -10.21 18.42
N LEU E 305 -23.50 -9.96 19.69
CA LEU E 305 -24.88 -9.72 20.10
C LEU E 305 -25.07 -8.38 20.82
N LYS E 306 -24.07 -7.50 20.80
CA LYS E 306 -24.14 -6.27 21.58
C LYS E 306 -23.71 -5.02 20.84
N ALA E 307 -23.08 -5.14 19.66
CA ALA E 307 -22.61 -3.99 18.89
C ALA E 307 -21.57 -3.18 19.66
N ASP E 308 -20.86 -3.82 20.57
CA ASP E 308 -19.76 -3.21 21.30
C ASP E 308 -18.45 -3.84 20.86
N ARG E 309 -17.35 -3.33 21.39
CA ARG E 309 -16.01 -3.75 20.98
C ARG E 309 -15.40 -4.56 22.12
N ALA E 310 -15.23 -5.86 21.88
CA ALA E 310 -14.61 -6.71 22.89
C ALA E 310 -13.11 -6.49 22.95
N GLY E 311 -12.45 -6.34 21.81
CA GLY E 311 -11.00 -6.21 21.87
C GLY E 311 -10.41 -5.70 20.58
N VAL E 312 -9.15 -5.29 20.68
CA VAL E 312 -8.42 -4.68 19.58
C VAL E 312 -7.17 -5.50 19.35
N LEU E 313 -6.86 -5.77 18.08
CA LEU E 313 -5.65 -6.45 17.70
C LEU E 313 -4.82 -5.50 16.85
N ALA E 314 -3.60 -5.24 17.30
CA ALA E 314 -2.68 -4.31 16.68
C ALA E 314 -1.44 -5.08 16.25
N GLY E 315 -0.42 -4.35 15.82
CA GLY E 315 0.82 -4.96 15.39
C GLY E 315 1.03 -4.97 13.90
N HIS E 316 0.23 -4.23 13.15
CA HIS E 316 0.37 -4.15 11.70
C HIS E 316 0.76 -2.74 11.31
N ASP E 317 1.56 -2.63 10.25
CA ASP E 317 1.99 -1.34 9.73
C ASP E 317 1.25 -0.94 8.45
N ASN E 318 0.17 -1.65 8.11
CA ASN E 318 -0.57 -1.36 6.90
C ASN E 318 -1.98 -1.93 7.07
N ARG E 319 -2.70 -2.05 5.96
CA ARG E 319 -4.10 -2.47 6.03
C ARG E 319 -4.26 -3.96 6.27
N VAL E 320 -5.30 -4.33 7.01
CA VAL E 320 -5.65 -5.72 7.26
C VAL E 320 -6.59 -6.21 6.16
N SER E 321 -6.30 -7.37 5.60
CA SER E 321 -7.10 -7.91 4.50
C SER E 321 -7.56 -9.36 4.68
N CYS E 322 -7.03 -10.11 5.65
CA CYS E 322 -7.39 -11.52 5.79
C CYS E 322 -7.64 -11.85 7.26
N LEU E 323 -8.66 -12.65 7.52
CA LEU E 323 -8.98 -13.03 8.89
C LEU E 323 -9.71 -14.37 8.89
N GLY E 324 -9.28 -15.28 9.77
CA GLY E 324 -9.94 -16.59 9.87
C GLY E 324 -9.75 -17.24 11.22
N VAL E 325 -10.66 -18.16 11.54
CA VAL E 325 -10.65 -18.87 12.82
C VAL E 325 -10.47 -20.37 12.55
N THR E 326 -9.97 -21.06 13.58
CA THR E 326 -9.75 -22.50 13.48
C THR E 326 -11.08 -23.25 13.44
N ASP E 327 -10.97 -24.56 13.21
CA ASP E 327 -12.15 -25.42 13.12
C ASP E 327 -12.54 -26.05 14.45
N ASP E 328 -11.83 -25.71 15.53
CA ASP E 328 -12.23 -26.18 16.86
C ASP E 328 -12.08 -25.14 17.97
N GLY E 329 -11.67 -23.91 17.66
CA GLY E 329 -11.47 -22.89 18.66
C GLY E 329 -10.06 -22.75 19.17
N MET E 330 -9.06 -22.85 18.30
CA MET E 330 -7.68 -22.94 18.77
C MET E 330 -6.89 -21.66 18.54
N ALA E 331 -7.20 -20.90 17.49
CA ALA E 331 -6.45 -19.68 17.21
C ALA E 331 -7.28 -18.80 16.29
N VAL E 332 -6.73 -17.63 15.99
CA VAL E 332 -7.23 -16.75 14.94
C VAL E 332 -6.03 -16.24 14.15
N ALA E 333 -6.13 -16.29 12.83
CA ALA E 333 -5.06 -15.83 11.96
C ALA E 333 -5.50 -14.54 11.29
N THR E 334 -4.62 -13.54 11.33
CA THR E 334 -4.84 -12.28 10.63
C THR E 334 -3.66 -11.98 9.71
N GLY E 335 -3.98 -11.40 8.55
CA GLY E 335 -2.97 -11.08 7.56
C GLY E 335 -3.21 -9.74 6.89
N SER E 336 -2.12 -9.04 6.58
CA SER E 336 -2.15 -7.64 6.22
C SER E 336 -1.10 -7.35 5.16
N TRP E 337 -1.13 -6.12 4.64
CA TRP E 337 -0.20 -5.69 3.60
C TRP E 337 1.23 -5.54 4.08
N ASP E 338 1.52 -5.87 5.34
CA ASP E 338 2.87 -5.78 5.85
C ASP E 338 3.65 -7.09 5.69
N SER E 339 3.07 -8.08 5.00
CA SER E 339 3.69 -9.34 4.63
C SER E 339 3.87 -10.31 5.81
N PHE E 340 3.18 -10.09 6.92
CA PHE E 340 3.24 -10.99 8.06
C PHE E 340 1.85 -11.48 8.42
N LEU E 341 1.70 -12.79 8.58
CA LEU E 341 0.55 -13.36 9.24
C LEU E 341 0.83 -13.45 10.73
N LYS E 342 -0.24 -13.44 11.52
CA LYS E 342 -0.07 -13.55 12.96
C LYS E 342 -1.19 -14.43 13.53
N ILE E 343 -0.81 -15.29 14.48
CA ILE E 343 -1.69 -16.30 15.05
C ILE E 343 -1.90 -15.96 16.51
N TRP E 344 -3.12 -15.57 16.86
CA TRP E 344 -3.48 -15.13 18.19
C TRP E 344 -4.19 -16.26 18.91
N ASN E 345 -3.83 -16.49 20.17
CA ASN E 345 -4.42 -17.55 20.97
C ASN E 345 -4.38 -17.13 22.43
#